data_8BJH
#
_entry.id   8BJH
#
_cell.length_a   81.739
_cell.length_b   62.825
_cell.length_c   93.581
_cell.angle_alpha   90.000
_cell.angle_beta   91.030
_cell.angle_gamma   90.000
#
_symmetry.space_group_name_H-M   'P 1 21 1'
#
loop_
_entity.id
_entity.type
_entity.pdbx_description
1 polymer 'Actin, alpha skeletal muscle, intermediate form'
2 polymer 'Putative Adenylate cyclase,Profilin-1'
3 non-polymer "ADENOSINE-5'-DIPHOSPHATE"
4 non-polymer 'MAGNESIUM ION'
5 non-polymer 'LATRUNCULIN B'
6 non-polymer 2-AMINO-2-HYDROXYMETHYL-PROPANE-1,3-DIOL
7 non-polymer GLYCEROL
8 non-polymer 'HYDROGEN PEROXIDE'
9 non-polymer 'SULFATE ION'
10 non-polymer DI(HYDROXYETHYL)ETHER
11 water water
#
loop_
_entity_poly.entity_id
_entity_poly.type
_entity_poly.pdbx_seq_one_letter_code
_entity_poly.pdbx_strand_id
1 'polypeptide(L)'
;DEDETTALVCDNGSGLVKAGFAGDDAPRAVFPSIVGRPRHQGVMVGMGQKDSYVGDEAQSKRGILTLKYPIEHGIITNWD
DMEKIWHHTFYNELRVAPEEHPTLLTEAPLNPKANREKMTQIMFETFNVPAMYVAIQAVLSLYASGRTTGIVLDSGDGVT
HNVPIYEGYALPHAIMRLDLAGRDLTDYLMKILTERGYSFVTTAEREIVRDIKEKLCYVALDFENEMATAASSSSLEKSY
ELPDGQVITIGNERFRCPETLFQPSFIGMESAGIHETTYNSIMKCDIDIRKDLYANNVMSGGTTMYPGIADRMQKEITAL
APSTMKIKIIAPPERKYSVWIGGSILASLSTFQQMWITKQEYDEAGPSIVHRKCF
;
A
2 'polypeptide(L)'
;GPGSQEATPNQDGSHKTYQSRDLVLEPIQHPKSIELGMPEVDQSVLAEVAERENVIIGVRPVDEKSKSLIASKMYSSMGL
FVKAISSDWGPMSGFIPVDQSFAKASARRDLEKFNEYAEQSILSGNAVSANLYLNQVRIEELVSKYESLTPLELDVDSGM
YKTTATNGDQTIPFFLNKVTVDDKELWQVHYLREGELAPFKVIGDPVSKQPMTADYDLLTVMYTYGDLGPQDKVKQPLTW
EQWKESVTYEDLSPKYKARYDNQALYEKQDGASLGMVSDRLKELKDVINTSLGRTDGLEMVHHGADDANPYAVMADNFPA
TFFVPKHFFDDDGLGEGKGSIQTYFNVNEQGAVVIQNPQEFSNFQQVAINASYRASLNDKWNSGLDSPLFTTKRKLSHDY
LDARDEVAKKLGLTESSKLNGLGERQTMSPAQNSDVNTWARVDVSPPPPPGGAGWNAYIDNLMADGTCQDAAIVGYKDSP
SVWAAVPGKTFVNITPAEVGVLVGKDRSSFYVNGLTLGGQKCSVIRDSLLQDGEFSMDLRTKSTGGAPTFNVTVTKTDKT
LVLLMGKEGVHGGLINKKCYEMASHLRRSQY
;
B
#
loop_
_chem_comp.id
_chem_comp.type
_chem_comp.name
_chem_comp.formula
ADP non-polymer ADENOSINE-5'-DIPHOSPHATE 'C10 H15 N5 O10 P2'
GOL non-polymer GLYCEROL 'C3 H8 O3'
LAB non-polymer 'LATRUNCULIN B' 'C20 H29 N O5 S'
MG non-polymer 'MAGNESIUM ION' 'Mg 2'
PEG non-polymer DI(HYDROXYETHYL)ETHER 'C4 H10 O3'
PEO non-polymer 'HYDROGEN PEROXIDE' 'H2 O2'
SO4 non-polymer 'SULFATE ION' 'O4 S -2'
TRS non-polymer 2-AMINO-2-HYDROXYMETHYL-PROPANE-1,3-DIOL 'C4 H12 N O3 1'
#
# COMPACT_ATOMS: atom_id res chain seq x y z
N THR A 5 -4.96 -11.36 20.08
CA THR A 5 -5.26 -9.93 19.97
C THR A 5 -4.31 -9.23 18.99
N THR A 6 -4.86 -8.41 18.10
CA THR A 6 -4.04 -7.76 17.09
C THR A 6 -3.80 -6.31 17.43
N ALA A 7 -2.57 -5.87 17.32
CA ALA A 7 -2.23 -4.47 17.56
C ALA A 7 -2.69 -3.64 16.36
N LEU A 8 -3.09 -2.40 16.61
CA LEU A 8 -3.50 -1.49 15.53
C LEU A 8 -2.30 -0.59 15.19
N VAL A 9 -2.22 -0.14 13.95
CA VAL A 9 -1.13 0.73 13.50
C VAL A 9 -1.79 1.90 12.80
N CYS A 10 -1.60 3.11 13.33
CA CYS A 10 -2.17 4.33 12.78
C CYS A 10 -1.10 5.35 12.44
N ASP A 11 -0.95 5.64 11.17
CA ASP A 11 0.02 6.61 10.70
C ASP A 11 -0.74 7.88 10.39
N ASN A 12 -0.57 8.86 11.30
CA ASN A 12 -1.23 10.15 11.34
C ASN A 12 -0.57 11.11 10.36
N GLY A 13 -0.83 10.94 9.05
CA GLY A 13 -0.22 11.80 8.06
C GLY A 13 -0.77 13.20 7.95
N SER A 14 0.10 14.15 7.49
CA SER A 14 -0.34 15.53 7.27
C SER A 14 -1.46 15.63 6.22
N GLY A 15 -1.44 14.74 5.23
CA GLY A 15 -2.45 14.69 4.20
C GLY A 15 -3.32 13.45 4.24
N LEU A 16 -2.73 12.28 4.53
CA LEU A 16 -3.50 11.02 4.55
C LEU A 16 -3.30 10.22 5.80
N VAL A 17 -4.38 9.65 6.33
CA VAL A 17 -4.27 8.71 7.45
C VAL A 17 -4.13 7.33 6.82
N LYS A 18 -3.17 6.55 7.29
CA LYS A 18 -2.98 5.17 6.84
C LYS A 18 -3.18 4.37 8.10
N ALA A 19 -4.14 3.44 8.10
CA ALA A 19 -4.41 2.67 9.30
C ALA A 19 -4.65 1.21 8.98
N GLY A 20 -4.40 0.35 9.94
CA GLY A 20 -4.60 -1.07 9.75
C GLY A 20 -4.16 -1.89 10.93
N PHE A 21 -3.88 -3.16 10.65
CA PHE A 21 -3.52 -4.11 11.69
C PHE A 21 -2.09 -4.55 11.60
N ALA A 22 -1.42 -4.71 12.76
CA ALA A 22 -0.04 -5.19 12.78
C ALA A 22 0.01 -6.62 12.28
N GLY A 23 1.02 -6.93 11.48
CA GLY A 23 1.11 -8.24 10.87
C GLY A 23 0.63 -8.27 9.41
N ASP A 24 -0.07 -7.22 8.99
CA ASP A 24 -0.53 -7.10 7.60
C ASP A 24 0.55 -6.38 6.81
N ASP A 25 0.60 -6.61 5.48
CA ASP A 25 1.64 -5.98 4.67
C ASP A 25 1.20 -4.65 4.00
N ALA A 26 -0.02 -4.20 4.26
CA ALA A 26 -0.54 -2.93 3.71
C ALA A 26 -1.63 -2.41 4.63
N PRO A 27 -1.87 -1.09 4.68
CA PRO A 27 -2.95 -0.58 5.53
C PRO A 27 -4.31 -0.97 4.97
N ARG A 28 -5.28 -1.21 5.85
CA ARG A 28 -6.65 -1.51 5.41
C ARG A 28 -7.37 -0.23 4.99
N ALA A 29 -6.98 0.92 5.58
CA ALA A 29 -7.70 2.17 5.34
C ALA A 29 -6.74 3.29 5.00
N VAL A 30 -7.02 4.07 3.94
CA VAL A 30 -6.21 5.22 3.56
C VAL A 30 -7.20 6.32 3.23
N PHE A 31 -7.21 7.41 4.00
CA PHE A 31 -8.23 8.45 3.82
C PHE A 31 -7.69 9.81 4.14
N PRO A 32 -8.29 10.87 3.58
CA PRO A 32 -7.77 12.23 3.84
C PRO A 32 -7.86 12.68 5.28
N SER A 33 -6.78 13.31 5.78
CA SER A 33 -6.69 13.81 7.15
CA SER A 33 -6.70 13.80 7.14
C SER A 33 -7.39 15.16 7.25
N ILE A 34 -8.70 15.16 7.09
CA ILE A 34 -9.50 16.37 7.14
C ILE A 34 -10.72 16.15 8.01
N VAL A 35 -11.19 17.22 8.64
CA VAL A 35 -12.40 17.20 9.43
C VAL A 35 -13.30 18.33 8.87
N GLY A 36 -14.57 18.04 8.68
CA GLY A 36 -15.51 19.01 8.16
C GLY A 36 -16.65 19.25 9.13
N ARG A 37 -16.87 20.51 9.51
CA ARG A 37 -17.97 20.91 10.39
C ARG A 37 -18.88 21.91 9.65
N PRO A 38 -20.20 21.95 9.96
CA PRO A 38 -21.07 22.93 9.27
C PRO A 38 -20.58 24.37 9.42
N ARG A 39 -20.60 25.12 8.30
CA ARG A 39 -20.12 26.51 8.21
C ARG A 39 -20.70 27.46 9.27
N HIS A 40 -22.01 27.33 9.57
CA HIS A 40 -22.65 28.18 10.58
C HIS A 40 -22.43 27.65 11.98
N GLN A 41 -21.42 28.19 12.68
CA GLN A 41 -21.09 27.78 14.03
C GLN A 41 -22.09 28.26 15.09
N GLY A 42 -22.74 29.39 14.83
CA GLY A 42 -23.72 29.95 15.73
C GLY A 42 -25.12 29.38 15.55
N VAL A 43 -25.24 28.04 15.60
CA VAL A 43 -26.51 27.35 15.44
C VAL A 43 -27.23 27.16 16.78
N GLN A 49 -27.62 15.67 9.59
CA GLN A 49 -27.96 15.35 10.97
C GLN A 49 -26.73 14.92 11.79
N LYS A 50 -25.55 15.47 11.50
CA LYS A 50 -24.32 15.15 12.23
C LYS A 50 -23.49 16.39 12.56
N ASP A 51 -22.86 16.39 13.73
CA ASP A 51 -22.04 17.49 14.25
C ASP A 51 -20.74 17.66 13.45
N SER A 52 -20.15 16.56 12.98
CA SER A 52 -18.89 16.61 12.24
C SER A 52 -18.75 15.45 11.26
N TYR A 53 -17.87 15.61 10.26
CA TYR A 53 -17.61 14.59 9.25
C TYR A 53 -16.09 14.41 9.08
N VAL A 54 -15.64 13.20 8.74
CA VAL A 54 -14.21 12.92 8.61
C VAL A 54 -13.89 12.23 7.27
N GLY A 55 -12.72 12.57 6.70
CA GLY A 55 -12.19 11.93 5.51
C GLY A 55 -13.02 12.00 4.25
N ASP A 56 -13.22 10.84 3.61
CA ASP A 56 -13.99 10.69 2.36
C ASP A 56 -15.38 11.32 2.44
N GLU A 57 -16.08 11.13 3.57
CA GLU A 57 -17.43 11.70 3.73
C GLU A 57 -17.40 13.22 3.86
N ALA A 58 -16.35 13.76 4.50
CA ALA A 58 -16.21 15.20 4.63
C ALA A 58 -15.96 15.83 3.23
N GLN A 59 -15.24 15.11 2.35
CA GLN A 59 -15.01 15.59 0.99
C GLN A 59 -16.30 15.50 0.16
N SER A 60 -17.05 14.41 0.30
CA SER A 60 -18.31 14.25 -0.42
C SER A 60 -19.33 15.35 -0.08
N LYS A 61 -19.36 15.77 1.19
CA LYS A 61 -20.28 16.81 1.64
C LYS A 61 -19.58 18.15 1.79
N ARG A 62 -18.59 18.44 0.94
CA ARG A 62 -17.85 19.71 0.99
C ARG A 62 -18.74 20.94 0.65
N GLY A 63 -19.84 20.71 -0.06
CA GLY A 63 -20.75 21.77 -0.45
C GLY A 63 -21.52 22.39 0.70
N ILE A 64 -21.50 21.77 1.88
CA ILE A 64 -22.20 22.30 3.05
C ILE A 64 -21.31 22.42 4.31
N LEU A 65 -20.02 22.02 4.23
CA LEU A 65 -19.12 22.09 5.40
C LEU A 65 -17.83 22.90 5.17
N THR A 66 -17.17 23.30 6.27
CA THR A 66 -15.86 23.95 6.23
C THR A 66 -14.82 22.85 6.55
N LEU A 67 -13.88 22.60 5.61
CA LEU A 67 -12.86 21.56 5.77
C LEU A 67 -11.57 22.08 6.36
N LYS A 68 -10.97 21.35 7.30
CA LYS A 68 -9.71 21.76 7.93
C LYS A 68 -8.75 20.57 8.09
N TYR A 69 -7.42 20.81 7.96
CA TYR A 69 -6.40 19.79 8.15
C TYR A 69 -5.92 19.93 9.59
N PRO A 70 -6.21 18.98 10.48
CA PRO A 70 -5.74 19.12 11.88
C PRO A 70 -4.23 18.87 12.07
N ILE A 71 -3.53 18.30 11.06
CA ILE A 71 -2.09 17.95 11.14
C ILE A 71 -1.37 18.55 9.92
N GLU A 72 -1.78 19.76 9.48
CA GLU A 72 -1.30 20.43 8.27
C GLU A 72 0.20 20.27 7.93
N HIS A 73 1.10 20.38 8.91
CA HIS A 73 2.53 20.30 8.64
C HIS A 73 3.22 19.19 9.44
N GLY A 74 2.52 18.07 9.63
CA GLY A 74 3.06 16.95 10.36
C GLY A 74 2.80 17.02 11.85
N ILE A 75 2.59 18.25 12.39
CA ILE A 75 2.30 18.48 13.80
C ILE A 75 0.81 18.71 14.06
N ILE A 76 0.24 17.94 14.99
CA ILE A 76 -1.17 18.05 15.34
C ILE A 76 -1.40 19.38 16.04
N THR A 77 -2.33 20.20 15.50
CA THR A 77 -2.61 21.50 16.12
C THR A 77 -4.03 21.59 16.71
N ASN A 78 -4.97 20.77 16.24
CA ASN A 78 -6.34 20.81 16.73
C ASN A 78 -6.69 19.46 17.32
N TRP A 79 -6.69 19.38 18.65
CA TRP A 79 -6.95 18.12 19.34
C TRP A 79 -8.39 17.65 19.27
N ASP A 80 -9.36 18.57 19.12
CA ASP A 80 -10.76 18.16 18.99
C ASP A 80 -10.95 17.46 17.65
N ASP A 81 -10.39 18.04 16.58
CA ASP A 81 -10.47 17.46 15.24
C ASP A 81 -9.65 16.18 15.15
N MET A 82 -8.50 16.11 15.84
CA MET A 82 -7.69 14.89 15.85
C MET A 82 -8.43 13.74 16.54
N GLU A 83 -9.14 14.03 17.65
CA GLU A 83 -9.93 13.00 18.32
C GLU A 83 -11.04 12.48 17.38
N LYS A 84 -11.63 13.36 16.56
CA LYS A 84 -12.65 12.95 15.58
C LYS A 84 -12.00 12.02 14.55
N ILE A 85 -10.77 12.33 14.11
CA ILE A 85 -10.04 11.47 13.17
C ILE A 85 -9.77 10.09 13.77
N TRP A 86 -9.31 10.04 15.02
CA TRP A 86 -9.04 8.76 15.67
C TRP A 86 -10.32 7.95 15.87
N HIS A 87 -11.40 8.62 16.28
CA HIS A 87 -12.70 7.97 16.46
C HIS A 87 -13.17 7.38 15.12
N HIS A 88 -13.07 8.15 14.04
CA HIS A 88 -13.43 7.68 12.71
C HIS A 88 -12.58 6.47 12.31
N THR A 89 -11.26 6.54 12.54
CA THR A 89 -10.33 5.48 12.22
C THR A 89 -10.68 4.17 12.93
N PHE A 90 -10.94 4.22 14.24
CA PHE A 90 -11.22 3.01 15.00
C PHE A 90 -12.60 2.43 14.65
N TYR A 91 -13.64 3.24 14.79
CA TYR A 91 -15.01 2.79 14.66
C TYR A 91 -15.53 2.62 13.26
N ASN A 92 -15.19 3.54 12.37
CA ASN A 92 -15.73 3.54 11.02
C ASN A 92 -14.85 2.90 9.97
N GLU A 93 -13.52 3.01 10.09
CA GLU A 93 -12.63 2.43 9.07
C GLU A 93 -12.18 1.02 9.44
N LEU A 94 -11.64 0.85 10.63
CA LEU A 94 -11.14 -0.45 11.07
C LEU A 94 -12.24 -1.31 11.72
N ARG A 95 -13.32 -0.67 12.20
CA ARG A 95 -14.47 -1.26 12.87
CA ARG A 95 -14.46 -1.29 12.86
C ARG A 95 -14.03 -2.12 14.07
N VAL A 96 -13.22 -1.51 14.96
CA VAL A 96 -12.72 -2.17 16.17
C VAL A 96 -13.09 -1.34 17.42
N ALA A 97 -13.09 -1.99 18.59
CA ALA A 97 -13.30 -1.30 19.86
C ALA A 97 -11.88 -0.99 20.33
N PRO A 98 -11.48 0.29 20.40
CA PRO A 98 -10.08 0.60 20.74
C PRO A 98 -9.62 0.05 22.08
N GLU A 99 -10.55 -0.08 23.06
CA GLU A 99 -10.18 -0.63 24.37
C GLU A 99 -9.69 -2.09 24.35
N GLU A 100 -9.87 -2.80 23.23
CA GLU A 100 -9.44 -4.20 23.08
C GLU A 100 -8.08 -4.33 22.35
N HIS A 101 -7.48 -3.22 21.85
CA HIS A 101 -6.27 -3.36 21.06
C HIS A 101 -5.15 -2.46 21.47
N PRO A 102 -3.95 -3.02 21.69
CA PRO A 102 -2.74 -2.16 21.85
C PRO A 102 -2.58 -1.36 20.54
N THR A 103 -2.22 -0.07 20.62
CA THR A 103 -2.22 0.76 19.42
C THR A 103 -0.88 1.46 19.22
N LEU A 104 -0.31 1.31 18.04
CA LEU A 104 0.93 1.99 17.69
CA LEU A 104 0.93 1.99 17.68
C LEU A 104 0.55 3.23 16.88
N LEU A 105 0.99 4.42 17.34
CA LEU A 105 0.73 5.66 16.61
C LEU A 105 2.04 6.15 16.08
N THR A 106 2.00 6.89 14.96
CA THR A 106 3.22 7.48 14.43
C THR A 106 3.21 8.98 14.77
N GLU A 107 4.39 9.57 14.75
CA GLU A 107 4.53 10.98 15.01
C GLU A 107 5.61 11.55 14.09
N ALA A 108 5.52 12.84 13.88
CA ALA A 108 6.50 13.55 13.09
C ALA A 108 7.83 13.54 13.80
N PRO A 109 8.94 13.56 13.04
CA PRO A 109 10.24 13.84 13.65
C PRO A 109 10.16 15.19 14.39
N LEU A 110 10.84 15.33 15.54
CA LEU A 110 10.84 16.54 16.35
C LEU A 110 9.45 16.95 16.87
N ASN A 111 8.54 15.98 17.05
CA ASN A 111 7.21 16.26 17.58
C ASN A 111 7.36 16.88 19.01
N PRO A 112 6.73 18.03 19.33
CA PRO A 112 6.93 18.61 20.67
C PRO A 112 6.55 17.66 21.80
N LYS A 113 7.25 17.78 22.96
CA LYS A 113 6.90 16.93 24.11
C LYS A 113 5.43 17.07 24.52
N ALA A 114 4.91 18.31 24.50
CA ALA A 114 3.52 18.54 24.92
C ALA A 114 2.54 17.80 24.00
N ASN A 115 2.87 17.74 22.72
CA ASN A 115 2.07 17.05 21.71
C ASN A 115 2.04 15.54 21.93
N ARG A 116 3.20 14.89 22.16
CA ARG A 116 3.20 13.43 22.38
C ARG A 116 2.56 13.06 23.70
N GLU A 117 2.66 13.95 24.72
CA GLU A 117 1.97 13.78 26.00
C GLU A 117 0.46 13.81 25.80
N LYS A 118 -0.03 14.77 25.02
CA LYS A 118 -1.45 14.91 24.73
C LYS A 118 -1.96 13.71 23.97
N MET A 119 -1.17 13.21 22.99
CA MET A 119 -1.58 12.03 22.23
CA MET A 119 -1.53 12.02 22.20
C MET A 119 -1.70 10.80 23.14
N THR A 120 -0.75 10.64 24.06
CA THR A 120 -0.75 9.54 25.04
C THR A 120 -1.98 9.63 25.95
N GLN A 121 -2.24 10.84 26.48
CA GLN A 121 -3.39 11.07 27.36
C GLN A 121 -4.71 10.75 26.63
N ILE A 122 -4.87 11.22 25.38
CA ILE A 122 -6.08 10.93 24.62
C ILE A 122 -6.28 9.42 24.43
N MET A 123 -5.21 8.68 24.05
CA MET A 123 -5.35 7.23 23.86
C MET A 123 -5.82 6.50 25.09
N PHE A 124 -5.25 6.83 26.25
CA PHE A 124 -5.63 6.15 27.49
C PHE A 124 -6.91 6.67 28.13
N GLU A 125 -7.13 8.00 28.09
CA GLU A 125 -8.30 8.57 28.78
C GLU A 125 -9.56 8.66 27.95
N THR A 126 -9.44 8.93 26.66
CA THR A 126 -10.59 9.01 25.78
C THR A 126 -10.91 7.66 25.19
N PHE A 127 -9.91 6.95 24.65
CA PHE A 127 -10.15 5.68 23.97
C PHE A 127 -9.94 4.47 24.84
N ASN A 128 -9.29 4.62 26.01
CA ASN A 128 -9.04 3.52 26.94
C ASN A 128 -8.32 2.32 26.28
N VAL A 129 -7.28 2.59 25.47
CA VAL A 129 -6.48 1.50 24.91
C VAL A 129 -5.74 0.79 26.06
N PRO A 130 -5.53 -0.53 25.94
CA PRO A 130 -4.81 -1.24 27.00
C PRO A 130 -3.32 -0.92 27.03
N ALA A 131 -2.76 -0.55 25.86
CA ALA A 131 -1.35 -0.23 25.70
C ALA A 131 -1.18 0.60 24.42
N MET A 132 -0.09 1.37 24.36
CA MET A 132 0.20 2.16 23.18
C MET A 132 1.69 2.49 23.08
N TYR A 133 2.12 2.91 21.90
CA TYR A 133 3.49 3.30 21.66
C TYR A 133 3.44 4.42 20.62
N VAL A 134 4.40 5.33 20.67
CA VAL A 134 4.50 6.40 19.67
C VAL A 134 5.87 6.25 19.00
N ALA A 135 5.90 5.97 17.69
CA ALA A 135 7.16 5.81 16.94
C ALA A 135 7.33 6.95 15.92
N ILE A 136 8.57 7.36 15.67
CA ILE A 136 8.83 8.41 14.67
C ILE A 136 8.66 7.79 13.30
N GLN A 137 7.89 8.44 12.43
CA GLN A 137 7.56 7.93 11.09
C GLN A 137 8.78 7.47 10.31
N ALA A 138 9.85 8.30 10.23
CA ALA A 138 11.06 7.91 9.48
C ALA A 138 11.70 6.62 9.95
N VAL A 139 11.68 6.34 11.25
CA VAL A 139 12.26 5.12 11.80
C VAL A 139 11.55 3.89 11.26
N LEU A 140 10.23 3.95 11.23
CA LEU A 140 9.40 2.88 10.69
C LEU A 140 9.71 2.63 9.23
N SER A 141 9.90 3.69 8.42
CA SER A 141 10.25 3.47 7.01
C SER A 141 11.60 2.77 6.87
N LEU A 142 12.53 3.07 7.78
CA LEU A 142 13.86 2.42 7.76
C LEU A 142 13.67 0.93 8.05
N TYR A 143 12.84 0.58 9.03
CA TYR A 143 12.52 -0.82 9.34
C TYR A 143 11.87 -1.51 8.14
N ALA A 144 11.00 -0.82 7.41
CA ALA A 144 10.33 -1.42 6.24
C ALA A 144 11.34 -1.75 5.12
N SER A 145 12.53 -1.09 5.13
CA SER A 145 13.58 -1.41 4.18
C SER A 145 14.51 -2.55 4.70
N GLY A 146 14.23 -3.12 5.87
CA GLY A 146 15.05 -4.17 6.47
C GLY A 146 16.32 -3.64 7.13
N ARG A 147 16.30 -2.36 7.54
CA ARG A 147 17.48 -1.73 8.16
C ARG A 147 17.17 -1.17 9.53
N THR A 148 18.21 -0.98 10.36
CA THR A 148 18.08 -0.29 11.63
C THR A 148 18.98 0.95 11.69
N THR A 149 19.97 1.08 10.78
CA THR A 149 20.80 2.27 10.70
C THR A 149 20.72 2.83 9.29
N GLY A 150 20.56 4.14 9.19
CA GLY A 150 20.49 4.80 7.88
C GLY A 150 19.93 6.19 7.99
N ILE A 151 19.81 6.89 6.87
CA ILE A 151 19.20 8.21 6.87
C ILE A 151 18.01 8.21 5.94
N VAL A 152 16.86 8.60 6.49
CA VAL A 152 15.62 8.58 5.74
C VAL A 152 15.30 9.99 5.25
N LEU A 153 14.87 10.12 4.00
CA LEU A 153 14.31 11.37 3.47
C LEU A 153 12.82 11.06 3.38
N ASP A 154 12.02 11.61 4.30
CA ASP A 154 10.58 11.40 4.26
C ASP A 154 9.91 12.66 3.76
N SER A 155 9.25 12.59 2.60
CA SER A 155 8.55 13.75 2.05
C SER A 155 7.10 13.35 1.83
N GLY A 156 6.21 13.95 2.59
CA GLY A 156 4.80 13.62 2.50
C GLY A 156 3.98 14.72 1.87
N ASP A 157 2.89 15.09 2.52
CA ASP A 157 2.01 16.12 1.99
C ASP A 157 2.35 17.51 2.49
N GLY A 158 2.48 17.66 3.80
CA GLY A 158 2.74 18.97 4.39
C GLY A 158 4.13 19.25 4.89
N VAL A 159 4.97 18.21 4.99
CA VAL A 159 6.31 18.39 5.53
C VAL A 159 7.30 17.35 5.00
N THR A 160 8.57 17.75 4.95
CA THR A 160 9.69 16.91 4.55
C THR A 160 10.74 16.90 5.68
N HIS A 161 11.32 15.74 6.03
CA HIS A 161 12.41 15.67 7.02
C HIS A 161 13.54 14.75 6.53
N ASN A 162 14.78 15.07 6.93
CA ASN A 162 15.93 14.20 6.81
C ASN A 162 16.12 13.66 8.23
N VAL A 163 16.04 12.34 8.41
CA VAL A 163 16.14 11.70 9.72
C VAL A 163 17.23 10.63 9.77
N PRO A 164 18.36 10.96 10.43
CA PRO A 164 19.41 9.94 10.60
C PRO A 164 19.08 9.07 11.81
N ILE A 165 19.35 7.78 11.67
CA ILE A 165 18.93 6.79 12.65
C ILE A 165 20.03 5.80 12.95
N TYR A 166 20.33 5.60 14.25
CA TYR A 166 21.36 4.68 14.66
C TYR A 166 20.69 3.55 15.42
N GLU A 167 20.70 2.34 14.84
CA GLU A 167 20.15 1.14 15.46
C GLU A 167 18.73 1.31 15.98
N GLY A 168 17.89 1.95 15.19
CA GLY A 168 16.49 2.14 15.56
C GLY A 168 16.16 3.42 16.29
N TYR A 169 17.18 4.21 16.63
CA TYR A 169 16.99 5.46 17.37
C TYR A 169 17.26 6.66 16.48
N ALA A 170 16.25 7.50 16.25
CA ALA A 170 16.43 8.74 15.51
C ALA A 170 17.35 9.64 16.37
N LEU A 171 18.16 10.46 15.70
CA LEU A 171 19.12 11.33 16.36
C LEU A 171 18.57 12.76 16.21
N PRO A 172 17.77 13.25 17.19
CA PRO A 172 17.07 14.53 17.01
C PRO A 172 17.92 15.75 16.77
N HIS A 173 19.13 15.77 17.35
CA HIS A 173 20.05 16.90 17.10
C HIS A 173 20.41 17.04 15.64
N ALA A 174 20.31 15.94 14.85
CA ALA A 174 20.72 15.98 13.45
C ALA A 174 19.54 15.95 12.44
N ILE A 175 18.29 15.98 12.94
CA ILE A 175 17.13 15.94 12.05
C ILE A 175 17.00 17.28 11.34
N MET A 176 16.74 17.27 10.04
CA MET A 176 16.54 18.51 9.29
C MET A 176 15.09 18.51 8.81
N ARG A 177 14.46 19.66 8.87
CA ARG A 177 13.08 19.82 8.44
C ARG A 177 13.05 20.79 7.28
N LEU A 178 12.26 20.47 6.25
CA LEU A 178 12.08 21.34 5.09
C LEU A 178 10.57 21.59 5.03
N ASP A 179 10.16 22.86 5.14
CA ASP A 179 8.75 23.27 5.12
C ASP A 179 8.17 23.27 3.72
N LEU A 180 8.49 22.23 2.95
CA LEU A 180 7.95 22.08 1.61
C LEU A 180 7.78 20.60 1.34
N ALA A 181 6.61 20.24 0.83
CA ALA A 181 6.29 18.86 0.53
C ALA A 181 5.27 18.78 -0.65
N GLY A 182 4.57 17.66 -0.86
CA GLY A 182 3.68 17.46 -1.98
C GLY A 182 2.67 18.54 -2.23
N ARG A 183 2.07 19.09 -1.15
CA ARG A 183 1.06 20.15 -1.24
C ARG A 183 1.63 21.38 -1.89
N ASP A 184 2.85 21.78 -1.49
CA ASP A 184 3.52 22.93 -2.09
C ASP A 184 3.90 22.67 -3.55
N LEU A 185 4.23 21.42 -3.88
CA LEU A 185 4.55 21.06 -5.27
C LEU A 185 3.28 21.15 -6.12
N THR A 186 2.12 20.73 -5.57
CA THR A 186 0.86 20.86 -6.31
C THR A 186 0.55 22.35 -6.53
N ASP A 187 0.76 23.19 -5.49
CA ASP A 187 0.48 24.62 -5.62
C ASP A 187 1.36 25.28 -6.66
N TYR A 188 2.62 24.86 -6.73
CA TYR A 188 3.55 25.41 -7.69
C TYR A 188 3.18 24.97 -9.10
N LEU A 189 2.77 23.70 -9.27
CA LEU A 189 2.32 23.23 -10.59
C LEU A 189 1.08 24.03 -11.04
N MET A 190 0.13 24.34 -10.09
CA MET A 190 -1.06 25.15 -10.45
C MET A 190 -0.61 26.53 -10.94
N LYS A 191 0.37 27.12 -10.26
CA LYS A 191 0.88 28.45 -10.60
C LYS A 191 1.50 28.47 -12.00
N ILE A 192 2.40 27.52 -12.31
CA ILE A 192 3.08 27.55 -13.62
C ILE A 192 2.16 27.13 -14.79
N LEU A 193 1.09 26.36 -14.52
CA LEU A 193 0.11 26.05 -15.57
C LEU A 193 -0.78 27.28 -15.78
N THR A 194 -1.15 27.99 -14.68
CA THR A 194 -1.92 29.25 -14.75
C THR A 194 -1.14 30.33 -15.53
N GLU A 195 0.18 30.35 -15.37
CA GLU A 195 1.03 31.25 -16.14
C GLU A 195 0.89 31.07 -17.66
N ARG A 196 0.45 29.88 -18.09
CA ARG A 196 0.24 29.62 -19.50
C ARG A 196 -1.14 30.03 -20.04
N GLY A 197 -1.99 30.64 -19.22
CA GLY A 197 -3.30 31.08 -19.68
C GLY A 197 -4.45 30.24 -19.18
N TYR A 198 -4.13 29.07 -18.61
CA TYR A 198 -5.09 28.19 -17.96
C TYR A 198 -5.46 28.82 -16.60
N SER A 199 -6.49 28.29 -15.90
CA SER A 199 -6.81 28.78 -14.56
C SER A 199 -6.92 27.64 -13.54
N PHE A 200 -5.91 27.46 -12.64
CA PHE A 200 -5.97 26.41 -11.58
C PHE A 200 -5.75 27.17 -10.28
N VAL A 201 -6.86 27.46 -9.57
CA VAL A 201 -6.85 28.34 -8.41
C VAL A 201 -7.65 27.78 -7.23
N THR A 202 -8.83 27.22 -7.49
CA THR A 202 -9.71 26.71 -6.44
C THR A 202 -9.22 25.39 -5.82
N THR A 203 -9.84 24.98 -4.68
CA THR A 203 -9.59 23.72 -4.00
C THR A 203 -9.84 22.54 -4.95
N ALA A 204 -10.92 22.63 -5.77
CA ALA A 204 -11.22 21.56 -6.71
C ALA A 204 -10.19 21.51 -7.82
N GLU A 205 -9.68 22.67 -8.27
CA GLU A 205 -8.64 22.71 -9.29
C GLU A 205 -7.32 22.19 -8.75
N ARG A 206 -7.04 22.40 -7.46
CA ARG A 206 -5.86 21.89 -6.76
C ARG A 206 -5.88 20.35 -6.85
N GLU A 207 -7.05 19.73 -6.72
CA GLU A 207 -7.18 18.28 -6.82
C GLU A 207 -6.92 17.78 -8.23
N ILE A 208 -7.35 18.53 -9.27
CA ILE A 208 -7.04 18.14 -10.65
C ILE A 208 -5.50 18.21 -10.86
N VAL A 209 -4.86 19.28 -10.39
CA VAL A 209 -3.43 19.45 -10.58
C VAL A 209 -2.63 18.41 -9.77
N ARG A 210 -3.14 18.02 -8.59
CA ARG A 210 -2.50 16.94 -7.80
C ARG A 210 -2.47 15.65 -8.63
N ASP A 211 -3.57 15.38 -9.37
CA ASP A 211 -3.62 14.23 -10.27
C ASP A 211 -2.62 14.34 -11.38
N ILE A 212 -2.54 15.52 -12.05
CA ILE A 212 -1.53 15.74 -13.10
C ILE A 212 -0.11 15.48 -12.56
N LYS A 213 0.18 16.04 -11.39
CA LYS A 213 1.46 15.92 -10.71
C LYS A 213 1.82 14.45 -10.47
N GLU A 214 0.87 13.68 -9.91
CA GLU A 214 1.16 12.28 -9.61
C GLU A 214 1.34 11.44 -10.87
N LYS A 215 0.60 11.72 -11.93
CA LYS A 215 0.64 10.91 -13.15
C LYS A 215 1.79 11.23 -14.13
N LEU A 216 2.19 12.52 -14.25
CA LEU A 216 3.12 12.91 -15.28
C LEU A 216 4.43 13.53 -14.84
N CYS A 217 4.55 13.93 -13.56
CA CYS A 217 5.82 14.58 -13.15
C CYS A 217 6.97 13.57 -12.98
N TYR A 218 8.21 14.06 -13.11
CA TYR A 218 9.40 13.27 -12.91
C TYR A 218 10.57 14.17 -12.53
N VAL A 219 11.61 13.60 -11.92
CA VAL A 219 12.79 14.39 -11.58
C VAL A 219 13.85 14.27 -12.69
N ALA A 220 14.30 15.41 -13.24
CA ALA A 220 15.31 15.40 -14.30
C ALA A 220 16.68 15.08 -13.70
N LEU A 221 17.50 14.33 -14.44
CA LEU A 221 18.86 14.02 -13.97
C LEU A 221 19.74 15.26 -14.02
N ASP A 222 19.59 16.08 -15.08
CA ASP A 222 20.30 17.36 -15.21
C ASP A 222 19.22 18.35 -15.63
N PHE A 223 18.81 19.23 -14.70
CA PHE A 223 17.74 20.20 -14.91
C PHE A 223 17.97 21.14 -16.10
N GLU A 224 19.14 21.80 -16.17
CA GLU A 224 19.41 22.72 -17.27
C GLU A 224 19.40 22.03 -18.61
N ASN A 225 19.95 20.81 -18.67
CA ASN A 225 19.95 20.04 -19.92
CA ASN A 225 19.95 20.01 -19.90
C ASN A 225 18.51 19.69 -20.33
N GLU A 226 17.67 19.30 -19.35
CA GLU A 226 16.26 18.96 -19.61
C GLU A 226 15.45 20.19 -20.05
N MET A 227 15.74 21.38 -19.48
CA MET A 227 15.08 22.62 -19.85
C MET A 227 15.43 22.95 -21.32
N ALA A 228 16.70 22.75 -21.69
CA ALA A 228 17.15 22.99 -23.08
C ALA A 228 16.45 22.04 -24.05
N THR A 229 16.33 20.75 -23.69
CA THR A 229 15.64 19.73 -24.49
C THR A 229 14.16 20.10 -24.65
N ALA A 230 13.47 20.50 -23.56
CA ALA A 230 12.05 20.85 -23.62
C ALA A 230 11.79 22.03 -24.55
N ALA A 231 12.74 22.98 -24.62
CA ALA A 231 12.62 24.17 -25.45
C ALA A 231 13.00 23.92 -26.92
N SER A 232 13.69 22.82 -27.22
CA SER A 232 14.11 22.53 -28.59
C SER A 232 13.32 21.41 -29.27
N SER A 233 12.48 20.68 -28.52
CA SER A 233 11.68 19.61 -29.08
C SER A 233 10.40 19.34 -28.25
N SER A 234 9.52 18.47 -28.77
CA SER A 234 8.30 18.03 -28.11
C SER A 234 8.44 16.61 -27.51
N SER A 235 9.65 16.01 -27.51
CA SER A 235 9.91 14.66 -27.02
C SER A 235 9.52 14.39 -25.56
N LEU A 236 9.43 15.43 -24.75
CA LEU A 236 9.06 15.27 -23.34
C LEU A 236 7.60 15.63 -23.04
N GLU A 237 6.82 16.06 -24.06
CA GLU A 237 5.46 16.49 -23.82
C GLU A 237 4.48 15.34 -23.61
N LYS A 238 3.55 15.53 -22.68
CA LYS A 238 2.51 14.57 -22.38
C LYS A 238 1.17 15.30 -22.36
N SER A 239 0.11 14.67 -22.86
CA SER A 239 -1.21 15.30 -22.84
C SER A 239 -2.05 14.77 -21.71
N TYR A 240 -2.89 15.62 -21.12
CA TYR A 240 -3.74 15.25 -19.99
C TYR A 240 -5.16 15.75 -20.26
N GLU A 241 -6.17 14.86 -20.14
CA GLU A 241 -7.56 15.29 -20.37
C GLU A 241 -8.18 15.85 -19.11
N LEU A 242 -8.59 17.12 -19.16
CA LEU A 242 -9.21 17.81 -18.03
C LEU A 242 -10.68 17.37 -17.84
N PRO A 243 -11.28 17.59 -16.66
CA PRO A 243 -12.68 17.17 -16.47
C PRO A 243 -13.71 17.76 -17.44
N ASP A 244 -13.41 18.94 -18.03
CA ASP A 244 -14.32 19.55 -19.00
C ASP A 244 -14.15 19.03 -20.44
N GLY A 245 -13.26 18.06 -20.66
CA GLY A 245 -13.02 17.52 -21.98
C GLY A 245 -11.83 18.13 -22.70
N GLN A 246 -11.37 19.31 -22.24
CA GLN A 246 -10.21 20.04 -22.79
CA GLN A 246 -10.25 19.96 -22.91
C GLN A 246 -8.93 19.22 -22.63
N VAL A 247 -7.97 19.38 -23.55
CA VAL A 247 -6.70 18.69 -23.44
C VAL A 247 -5.57 19.67 -23.17
N ILE A 248 -4.75 19.43 -22.12
CA ILE A 248 -3.63 20.31 -21.79
C ILE A 248 -2.33 19.53 -21.98
N THR A 249 -1.33 20.18 -22.58
CA THR A 249 -0.04 19.58 -22.80
C THR A 249 0.85 19.99 -21.63
N ILE A 250 1.45 19.02 -20.98
CA ILE A 250 2.38 19.25 -19.87
C ILE A 250 3.78 19.00 -20.46
N GLY A 251 4.64 20.01 -20.48
CA GLY A 251 5.99 19.90 -21.05
C GLY A 251 7.06 19.98 -19.99
N ASN A 252 7.79 21.07 -19.95
CA ASN A 252 8.83 21.25 -18.91
C ASN A 252 8.25 21.28 -17.49
N GLU A 253 6.94 21.49 -17.35
CA GLU A 253 6.29 21.46 -16.02
C GLU A 253 6.44 20.11 -15.38
N ARG A 254 6.53 19.01 -16.20
CA ARG A 254 6.73 17.67 -15.69
C ARG A 254 7.95 17.58 -14.75
N PHE A 255 9.04 18.27 -15.07
CA PHE A 255 10.22 18.19 -14.20
C PHE A 255 10.51 19.49 -13.42
N ARG A 256 9.91 20.62 -13.81
CA ARG A 256 10.09 21.87 -13.04
C ARG A 256 9.39 21.77 -11.69
N CYS A 257 8.25 21.07 -11.64
CA CYS A 257 7.49 20.91 -10.40
C CYS A 257 8.34 20.18 -9.27
N PRO A 258 8.86 18.93 -9.48
CA PRO A 258 9.67 18.31 -8.41
C PRO A 258 11.10 18.84 -8.32
N GLU A 259 11.55 19.65 -9.31
CA GLU A 259 12.85 20.33 -9.18
C GLU A 259 12.88 21.23 -7.92
N THR A 260 11.70 21.71 -7.48
CA THR A 260 11.56 22.54 -6.29
C THR A 260 12.15 21.86 -5.03
N LEU A 261 12.12 20.50 -4.97
CA LEU A 261 12.72 19.75 -3.85
C LEU A 261 14.22 20.02 -3.74
N PHE A 262 14.89 20.14 -4.90
CA PHE A 262 16.32 20.41 -5.00
C PHE A 262 16.62 21.91 -5.02
N GLN A 263 15.67 22.72 -5.52
CA GLN A 263 15.77 24.18 -5.62
C GLN A 263 14.56 24.87 -4.97
N PRO A 264 14.50 24.99 -3.63
CA PRO A 264 13.31 25.60 -3.01
C PRO A 264 13.07 27.07 -3.37
N SER A 265 14.06 27.76 -3.95
CA SER A 265 13.90 29.15 -4.41
C SER A 265 12.81 29.26 -5.48
N PHE A 266 12.45 28.14 -6.16
CA PHE A 266 11.36 28.14 -7.16
C PHE A 266 10.06 28.61 -6.55
N ILE A 267 9.82 28.34 -5.26
CA ILE A 267 8.61 28.80 -4.58
C ILE A 267 8.87 29.93 -3.56
N GLY A 268 9.98 30.63 -3.71
CA GLY A 268 10.37 31.76 -2.86
C GLY A 268 10.93 31.38 -1.50
N MET A 269 11.33 30.12 -1.35
CA MET A 269 11.89 29.66 -0.08
C MET A 269 13.40 29.78 -0.09
N GLU A 270 13.98 30.27 1.01
CA GLU A 270 15.44 30.44 1.08
C GLU A 270 16.18 29.19 1.59
N SER A 271 15.48 28.07 1.74
CA SER A 271 16.06 26.84 2.26
C SER A 271 16.98 26.10 1.27
N ALA A 272 17.86 25.25 1.83
CA ALA A 272 18.69 24.35 1.04
C ALA A 272 17.77 23.22 0.48
N GLY A 273 18.18 22.59 -0.61
CA GLY A 273 17.44 21.49 -1.23
C GLY A 273 17.59 20.18 -0.47
N ILE A 274 16.80 19.15 -0.83
CA ILE A 274 16.83 17.86 -0.11
C ILE A 274 18.18 17.17 -0.13
N HIS A 275 19.00 17.39 -1.19
CA HIS A 275 20.33 16.80 -1.27
C HIS A 275 21.28 17.51 -0.26
N GLU A 276 21.13 18.83 -0.12
CA GLU A 276 21.95 19.63 0.82
C GLU A 276 21.58 19.40 2.28
N THR A 277 20.28 19.20 2.55
CA THR A 277 19.86 18.90 3.92
C THR A 277 20.26 17.46 4.30
N THR A 278 20.32 16.54 3.31
CA THR A 278 20.80 15.17 3.57
C THR A 278 22.27 15.23 4.02
N TYR A 279 23.13 15.98 3.26
CA TYR A 279 24.51 16.16 3.63
C TYR A 279 24.62 16.80 5.00
N ASN A 280 23.83 17.86 5.25
CA ASN A 280 23.92 18.58 6.51
C ASN A 280 23.54 17.70 7.70
N SER A 281 22.49 16.91 7.54
CA SER A 281 22.01 15.97 8.54
C SER A 281 23.08 14.88 8.84
N ILE A 282 23.72 14.30 7.80
CA ILE A 282 24.79 13.31 8.01
C ILE A 282 25.96 13.94 8.84
N MET A 283 26.35 15.12 8.44
CA MET A 283 27.46 15.84 9.05
C MET A 283 27.24 16.22 10.51
N LYS A 284 25.96 16.32 10.93
CA LYS A 284 25.64 16.57 12.34
C LYS A 284 25.72 15.32 13.22
N CYS A 285 25.91 14.16 12.61
CA CYS A 285 26.06 12.88 13.33
C CYS A 285 27.52 12.57 13.62
N ASP A 286 27.80 11.55 14.47
CA ASP A 286 29.18 11.15 14.81
C ASP A 286 29.94 10.81 13.57
N ILE A 287 31.25 11.16 13.51
CA ILE A 287 32.10 10.82 12.36
C ILE A 287 32.01 9.32 12.02
N ASP A 288 32.02 8.49 13.08
CA ASP A 288 31.99 7.03 13.01
C ASP A 288 30.79 6.44 12.27
N ILE A 289 29.64 7.13 12.26
CA ILE A 289 28.43 6.60 11.61
C ILE A 289 28.22 7.13 10.19
N ARG A 290 28.93 8.21 9.81
CA ARG A 290 28.64 8.87 8.54
C ARG A 290 28.73 7.97 7.30
N LYS A 291 29.73 7.06 7.23
CA LYS A 291 29.83 6.14 6.10
C LYS A 291 28.58 5.25 6.01
N ASP A 292 28.09 4.76 7.15
CA ASP A 292 26.87 3.95 7.20
C ASP A 292 25.63 4.72 6.74
N LEU A 293 25.55 6.03 7.06
CA LEU A 293 24.43 6.84 6.59
C LEU A 293 24.49 7.07 5.08
N TYR A 294 25.64 7.44 4.53
CA TYR A 294 25.80 7.64 3.08
C TYR A 294 25.45 6.37 2.29
N ALA A 295 25.75 5.20 2.82
CA ALA A 295 25.47 3.93 2.13
C ALA A 295 24.03 3.44 2.34
N ASN A 296 23.21 4.14 3.16
CA ASN A 296 21.86 3.71 3.48
C ASN A 296 20.86 4.89 3.48
N ASN A 297 20.77 5.59 2.37
CA ASN A 297 19.82 6.68 2.23
C ASN A 297 18.52 6.07 1.76
N VAL A 298 17.50 6.07 2.60
CA VAL A 298 16.20 5.50 2.22
C VAL A 298 15.18 6.61 1.95
N MET A 299 14.53 6.54 0.79
CA MET A 299 13.50 7.49 0.39
CA MET A 299 13.51 7.50 0.44
C MET A 299 12.14 6.97 0.87
N SER A 300 11.31 7.83 1.43
CA SER A 300 9.98 7.43 1.89
C SER A 300 8.95 8.54 1.72
N GLY A 301 7.68 8.17 1.65
CA GLY A 301 6.61 9.13 1.50
C GLY A 301 6.17 9.33 0.06
N GLY A 302 4.96 9.82 -0.10
CA GLY A 302 4.34 10.05 -1.41
C GLY A 302 5.11 10.99 -2.31
N THR A 303 5.74 12.03 -1.73
CA THR A 303 6.48 13.02 -2.53
C THR A 303 7.88 12.48 -2.96
N THR A 304 8.26 11.25 -2.57
CA THR A 304 9.48 10.65 -3.14
C THR A 304 9.11 9.71 -4.32
N MET A 305 7.84 9.67 -4.77
CA MET A 305 7.46 8.74 -5.84
C MET A 305 7.93 9.13 -7.23
N TYR A 306 8.37 10.38 -7.46
CA TYR A 306 8.79 10.83 -8.79
C TYR A 306 9.79 9.93 -9.47
N PRO A 307 9.52 9.48 -10.71
CA PRO A 307 10.55 8.73 -11.44
C PRO A 307 11.82 9.60 -11.58
N GLY A 308 12.96 8.98 -11.45
CA GLY A 308 14.22 9.68 -11.58
C GLY A 308 14.77 10.25 -10.28
N ILE A 309 13.95 10.28 -9.20
CA ILE A 309 14.41 10.91 -7.95
C ILE A 309 15.63 10.20 -7.32
N ALA A 310 15.71 8.85 -7.35
CA ALA A 310 16.87 8.17 -6.72
C ALA A 310 18.16 8.41 -7.51
N ASP A 311 18.09 8.35 -8.87
CA ASP A 311 19.28 8.63 -9.67
C ASP A 311 19.75 10.09 -9.50
N ARG A 312 18.81 11.02 -9.32
CA ARG A 312 19.17 12.44 -9.13
C ARG A 312 19.82 12.62 -7.75
N MET A 313 19.23 11.99 -6.72
CA MET A 313 19.82 12.04 -5.37
C MET A 313 21.20 11.39 -5.36
N GLN A 314 21.38 10.29 -6.13
CA GLN A 314 22.67 9.60 -6.20
C GLN A 314 23.73 10.56 -6.78
N LYS A 315 23.38 11.25 -7.87
CA LYS A 315 24.27 12.23 -8.51
C LYS A 315 24.59 13.43 -7.61
N GLU A 316 23.55 14.00 -6.98
CA GLU A 316 23.75 15.16 -6.11
C GLU A 316 24.55 14.89 -4.86
N ILE A 317 24.27 13.77 -4.17
CA ILE A 317 25.02 13.43 -2.96
CA ILE A 317 25.02 13.43 -2.97
C ILE A 317 26.47 13.10 -3.33
N THR A 318 26.68 12.41 -4.46
CA THR A 318 28.03 12.09 -4.93
C THR A 318 28.85 13.38 -5.16
N ALA A 319 28.22 14.39 -5.74
CA ALA A 319 28.88 15.67 -5.99
C ALA A 319 29.28 16.40 -4.69
N LEU A 320 28.48 16.22 -3.62
CA LEU A 320 28.77 16.87 -2.35
C LEU A 320 29.85 16.11 -1.54
N ALA A 321 29.70 14.79 -1.42
CA ALA A 321 30.55 13.96 -0.56
C ALA A 321 31.99 13.79 -1.01
N PRO A 322 32.88 13.35 -0.11
CA PRO A 322 34.23 12.95 -0.55
C PRO A 322 34.14 11.94 -1.72
N SER A 323 35.02 12.08 -2.72
CA SER A 323 34.94 11.22 -3.91
C SER A 323 35.06 9.71 -3.63
N THR A 324 35.67 9.31 -2.50
CA THR A 324 35.78 7.89 -2.15
C THR A 324 34.58 7.35 -1.36
N MET A 325 33.62 8.21 -0.99
CA MET A 325 32.47 7.78 -0.21
C MET A 325 31.55 6.85 -0.99
N LYS A 326 31.20 5.73 -0.39
CA LYS A 326 30.25 4.81 -0.99
C LYS A 326 28.82 5.34 -0.71
N ILE A 327 28.08 5.68 -1.78
CA ILE A 327 26.75 6.27 -1.64
C ILE A 327 25.70 5.34 -2.25
N LYS A 328 24.61 5.12 -1.52
CA LYS A 328 23.53 4.29 -2.00
C LYS A 328 22.20 4.89 -1.63
N ILE A 329 21.29 5.01 -2.64
CA ILE A 329 19.93 5.51 -2.46
C ILE A 329 18.99 4.32 -2.63
N ILE A 330 18.12 4.12 -1.66
CA ILE A 330 17.15 3.04 -1.67
C ILE A 330 15.75 3.68 -1.77
N ALA A 331 15.00 3.37 -2.84
CA ALA A 331 13.68 3.92 -3.02
C ALA A 331 12.74 2.76 -3.27
N PRO A 332 12.19 2.18 -2.20
CA PRO A 332 11.33 0.99 -2.35
C PRO A 332 10.10 1.27 -3.18
N PRO A 333 9.59 0.29 -3.94
CA PRO A 333 8.36 0.53 -4.71
C PRO A 333 7.15 0.89 -3.82
N GLU A 334 7.12 0.39 -2.60
CA GLU A 334 6.01 0.64 -1.66
C GLU A 334 6.26 1.83 -0.73
N ARG A 335 7.20 2.74 -1.10
CA ARG A 335 7.59 3.83 -0.21
C ARG A 335 6.46 4.81 0.16
N LYS A 336 5.34 4.83 -0.59
CA LYS A 336 4.19 5.65 -0.19
C LYS A 336 3.59 5.14 1.12
N TYR A 337 3.79 3.85 1.45
CA TYR A 337 3.21 3.21 2.62
C TYR A 337 4.28 2.64 3.58
N SER A 338 5.57 2.88 3.32
CA SER A 338 6.65 2.32 4.16
C SER A 338 6.57 2.72 5.63
N VAL A 339 6.06 3.92 5.98
CA VAL A 339 5.90 4.30 7.40
C VAL A 339 4.91 3.32 8.06
N TRP A 340 3.77 3.14 7.41
CA TRP A 340 2.76 2.22 7.92
C TRP A 340 3.31 0.78 8.02
N ILE A 341 3.95 0.32 6.95
CA ILE A 341 4.51 -1.04 6.86
C ILE A 341 5.55 -1.29 7.94
N GLY A 342 6.37 -0.27 8.22
CA GLY A 342 7.35 -0.34 9.29
C GLY A 342 6.71 -0.48 10.64
N GLY A 343 5.57 0.20 10.82
CA GLY A 343 4.83 0.11 12.08
C GLY A 343 4.21 -1.27 12.23
N SER A 344 3.69 -1.84 11.13
CA SER A 344 3.14 -3.19 11.15
C SER A 344 4.24 -4.21 11.52
N ILE A 345 5.47 -4.03 10.97
CA ILE A 345 6.62 -4.89 11.29
C ILE A 345 6.93 -4.81 12.80
N LEU A 346 7.12 -3.59 13.29
CA LEU A 346 7.47 -3.35 14.67
C LEU A 346 6.43 -3.90 15.64
N ALA A 347 5.15 -3.57 15.41
CA ALA A 347 4.08 -4.00 16.30
C ALA A 347 3.76 -5.51 16.22
N SER A 348 4.25 -6.20 15.16
CA SER A 348 4.05 -7.65 15.07
C SER A 348 5.24 -8.45 15.68
N LEU A 349 6.35 -7.79 16.05
CA LEU A 349 7.49 -8.48 16.66
C LEU A 349 7.24 -8.77 18.14
N SER A 350 7.82 -9.87 18.68
CA SER A 350 7.64 -10.20 20.09
C SER A 350 8.28 -9.16 21.02
N THR A 351 9.34 -8.44 20.56
CA THR A 351 9.96 -7.38 21.38
C THR A 351 9.04 -6.18 21.63
N PHE A 352 7.97 -6.04 20.84
CA PHE A 352 7.03 -4.90 20.98
CA PHE A 352 7.10 -4.90 21.00
C PHE A 352 6.27 -4.93 22.28
N GLN A 353 5.90 -6.13 22.77
CA GLN A 353 5.16 -6.22 24.04
C GLN A 353 5.97 -5.62 25.20
N GLN A 354 7.31 -5.64 25.11
CA GLN A 354 8.21 -5.07 26.14
C GLN A 354 8.38 -3.55 25.96
N MET A 355 8.06 -3.02 24.79
CA MET A 355 8.22 -1.59 24.48
C MET A 355 6.99 -0.74 24.76
N TRP A 356 5.79 -1.33 24.66
CA TRP A 356 4.59 -0.54 24.81
CA TRP A 356 4.48 -0.69 24.85
C TRP A 356 4.42 0.03 26.20
N ILE A 357 3.63 1.10 26.27
CA ILE A 357 3.31 1.78 27.51
C ILE A 357 2.00 1.11 27.90
N THR A 358 1.90 0.50 29.07
CA THR A 358 0.64 -0.13 29.48
C THR A 358 -0.23 0.89 30.21
N LYS A 359 -1.54 0.61 30.36
CA LYS A 359 -2.42 1.49 31.13
CA LYS A 359 -2.43 1.48 31.12
C LYS A 359 -1.93 1.62 32.57
N GLN A 360 -1.38 0.52 33.14
CA GLN A 360 -0.83 0.50 34.51
C GLN A 360 0.32 1.51 34.63
N GLU A 361 1.24 1.52 33.64
CA GLU A 361 2.35 2.45 33.62
C GLU A 361 1.87 3.89 33.49
N TYR A 362 0.85 4.12 32.65
CA TYR A 362 0.27 5.46 32.47
C TYR A 362 -0.40 5.92 33.79
N ASP A 363 -1.13 5.03 34.44
CA ASP A 363 -1.80 5.37 35.72
C ASP A 363 -0.78 5.75 36.81
N GLU A 364 0.39 5.12 36.76
CA GLU A 364 1.45 5.37 37.73
CA GLU A 364 1.46 5.35 37.73
C GLU A 364 2.21 6.65 37.44
N ALA A 365 2.58 6.91 36.15
CA ALA A 365 3.39 8.07 35.82
C ALA A 365 2.74 9.26 35.10
N GLY A 366 1.53 9.08 34.58
CA GLY A 366 0.89 10.12 33.79
C GLY A 366 1.47 10.20 32.38
N PRO A 367 1.02 11.21 31.61
CA PRO A 367 1.47 11.37 30.21
C PRO A 367 2.97 11.48 29.97
N SER A 368 3.76 11.99 30.93
CA SER A 368 5.21 12.13 30.70
C SER A 368 5.94 10.78 30.57
N ILE A 369 5.23 9.64 30.81
CA ILE A 369 5.78 8.29 30.59
C ILE A 369 6.27 8.14 29.12
N VAL A 370 5.62 8.86 28.18
CA VAL A 370 5.98 8.77 26.76
C VAL A 370 7.42 9.26 26.51
N HIS A 371 7.94 10.22 27.33
CA HIS A 371 9.32 10.69 27.15
CA HIS A 371 9.30 10.68 27.14
C HIS A 371 10.29 9.58 27.53
N ARG A 372 9.99 8.84 28.60
CA ARG A 372 10.87 7.76 29.04
C ARG A 372 10.86 6.56 28.09
N LYS A 373 9.68 6.13 27.67
CA LYS A 373 9.52 4.89 26.92
C LYS A 373 9.65 4.97 25.41
N CYS A 374 9.32 6.12 24.80
CA CYS A 374 9.24 6.19 23.35
C CYS A 374 10.29 7.10 22.72
N PHE A 375 11.35 6.51 22.18
CA PHE A 375 12.38 7.23 21.46
C PHE A 375 13.21 6.26 20.58
N LYS B 16 18.39 -22.37 -12.48
CA LYS B 16 17.20 -21.92 -13.20
C LYS B 16 15.90 -22.06 -12.36
N THR B 17 15.98 -22.49 -11.10
CA THR B 17 14.79 -22.64 -10.26
C THR B 17 14.51 -21.35 -9.50
N TYR B 18 13.23 -20.98 -9.40
CA TYR B 18 12.82 -19.79 -8.66
C TYR B 18 12.66 -20.11 -7.17
N GLN B 19 13.34 -19.35 -6.30
CA GLN B 19 13.26 -19.55 -4.86
C GLN B 19 13.13 -18.21 -4.12
N SER B 20 12.04 -18.06 -3.37
CA SER B 20 11.83 -16.89 -2.52
C SER B 20 11.06 -17.40 -1.33
N ARG B 21 11.72 -17.45 -0.15
CA ARG B 21 11.12 -18.00 1.08
C ARG B 21 10.54 -19.43 0.83
N ASP B 22 9.29 -19.72 1.22
CA ASP B 22 8.64 -21.01 1.00
C ASP B 22 8.04 -21.20 -0.41
N LEU B 23 8.31 -20.27 -1.34
CA LEU B 23 7.79 -20.38 -2.70
C LEU B 23 8.90 -20.90 -3.59
N VAL B 24 8.72 -22.13 -4.08
CA VAL B 24 9.68 -22.78 -4.96
C VAL B 24 8.97 -23.09 -6.25
N LEU B 25 9.48 -22.57 -7.36
CA LEU B 25 8.90 -22.82 -8.68
C LEU B 25 9.97 -23.43 -9.56
N GLU B 26 9.70 -24.60 -10.14
CA GLU B 26 10.64 -25.26 -11.02
C GLU B 26 10.23 -25.00 -12.47
N PRO B 27 11.21 -24.85 -13.38
CA PRO B 27 10.88 -24.61 -14.80
C PRO B 27 9.91 -25.63 -15.39
N ILE B 28 9.01 -25.15 -16.27
CA ILE B 28 8.05 -26.05 -16.90
C ILE B 28 8.74 -26.91 -17.91
N GLN B 29 8.69 -28.23 -17.70
CA GLN B 29 9.28 -29.18 -18.62
C GLN B 29 8.26 -29.41 -19.74
N HIS B 30 8.67 -29.21 -21.00
CA HIS B 30 7.81 -29.39 -22.17
C HIS B 30 6.49 -28.60 -22.04
N PRO B 31 6.51 -27.29 -22.34
CA PRO B 31 5.28 -26.50 -22.22
C PRO B 31 4.18 -26.94 -23.16
N LYS B 32 3.00 -27.25 -22.61
CA LYS B 32 1.84 -27.72 -23.38
C LYS B 32 0.97 -26.57 -23.88
N SER B 33 0.22 -26.80 -24.96
CA SER B 33 -0.70 -25.79 -25.49
C SER B 33 -2.07 -26.00 -24.84
N ILE B 34 -2.58 -24.97 -24.17
CA ILE B 34 -3.85 -25.07 -23.47
C ILE B 34 -4.93 -24.38 -24.27
N GLU B 35 -6.06 -25.07 -24.47
CA GLU B 35 -7.17 -24.50 -25.21
C GLU B 35 -7.91 -23.47 -24.35
N LEU B 36 -8.15 -22.28 -24.91
CA LEU B 36 -8.87 -21.18 -24.23
C LEU B 36 -10.07 -20.77 -25.08
N GLY B 37 -11.14 -20.29 -24.46
CA GLY B 37 -12.31 -19.84 -25.17
C GLY B 37 -12.22 -18.44 -25.76
N MET B 38 -11.36 -17.60 -25.18
CA MET B 38 -11.20 -16.23 -25.65
C MET B 38 -10.46 -16.25 -27.01
N PRO B 39 -11.01 -15.60 -28.04
CA PRO B 39 -10.29 -15.51 -29.34
C PRO B 39 -8.89 -14.94 -29.15
N GLU B 40 -7.88 -15.51 -29.83
CA GLU B 40 -6.51 -15.05 -29.62
CA GLU B 40 -6.50 -15.08 -29.71
C GLU B 40 -6.31 -13.62 -30.09
N VAL B 41 -7.17 -13.09 -30.99
CA VAL B 41 -7.07 -11.69 -31.40
C VAL B 41 -7.31 -10.76 -30.16
N ASP B 42 -8.25 -11.16 -29.28
CA ASP B 42 -8.55 -10.39 -28.05
C ASP B 42 -7.56 -10.63 -26.95
N GLN B 43 -6.93 -11.82 -26.91
CA GLN B 43 -5.85 -12.11 -25.98
C GLN B 43 -4.67 -11.15 -26.27
N SER B 44 -4.36 -10.94 -27.57
CA SER B 44 -3.28 -10.02 -27.94
C SER B 44 -3.63 -8.59 -27.50
N VAL B 45 -4.91 -8.18 -27.65
CA VAL B 45 -5.38 -6.87 -27.23
C VAL B 45 -5.16 -6.69 -25.71
N LEU B 46 -5.63 -7.66 -24.92
CA LEU B 46 -5.48 -7.59 -23.46
C LEU B 46 -4.03 -7.59 -22.99
N ALA B 47 -3.15 -8.28 -23.72
CA ALA B 47 -1.72 -8.29 -23.40
C ALA B 47 -1.12 -6.87 -23.61
N GLU B 48 -1.61 -6.17 -24.65
CA GLU B 48 -1.19 -4.81 -24.94
C GLU B 48 -1.74 -3.82 -23.93
N VAL B 49 -3.01 -4.03 -23.47
CA VAL B 49 -3.58 -3.18 -22.44
C VAL B 49 -2.78 -3.33 -21.12
N ALA B 50 -2.45 -4.58 -20.72
CA ALA B 50 -1.69 -4.79 -19.47
C ALA B 50 -0.34 -4.05 -19.51
N GLU B 51 0.30 -4.06 -20.68
CA GLU B 51 1.58 -3.35 -20.87
C GLU B 51 1.41 -1.83 -20.82
N ARG B 52 0.48 -1.27 -21.63
CA ARG B 52 0.28 0.19 -21.66
C ARG B 52 -0.20 0.75 -20.32
N GLU B 53 -1.14 0.04 -19.67
CA GLU B 53 -1.69 0.51 -18.41
C GLU B 53 -0.88 0.13 -17.19
N ASN B 54 0.16 -0.74 -17.36
CA ASN B 54 1.02 -1.24 -16.30
C ASN B 54 0.19 -1.91 -15.21
N VAL B 55 -0.65 -2.88 -15.61
CA VAL B 55 -1.49 -3.60 -14.66
C VAL B 55 -1.48 -5.09 -14.97
N ILE B 56 -1.89 -5.92 -14.02
CA ILE B 56 -2.10 -7.34 -14.22
C ILE B 56 -3.61 -7.54 -14.29
N ILE B 57 -4.12 -8.14 -15.37
CA ILE B 57 -5.56 -8.34 -15.53
C ILE B 57 -5.84 -9.83 -15.59
N GLY B 58 -6.82 -10.31 -14.84
CA GLY B 58 -7.19 -11.72 -14.86
C GLY B 58 -8.59 -11.84 -15.42
N VAL B 59 -8.82 -12.78 -16.34
CA VAL B 59 -10.13 -12.95 -16.96
C VAL B 59 -10.56 -14.41 -16.78
N ARG B 60 -11.76 -14.61 -16.26
CA ARG B 60 -12.35 -15.93 -16.06
C ARG B 60 -12.45 -16.68 -17.40
N PRO B 61 -12.37 -18.02 -17.40
CA PRO B 61 -12.48 -18.76 -18.68
C PRO B 61 -13.77 -18.47 -19.43
N VAL B 62 -13.65 -18.47 -20.75
CA VAL B 62 -14.78 -18.31 -21.65
C VAL B 62 -15.04 -19.74 -22.17
N ASP B 63 -16.29 -20.21 -22.17
CA ASP B 63 -16.62 -21.54 -22.69
C ASP B 63 -16.08 -21.69 -24.13
N GLU B 64 -15.28 -22.74 -24.38
CA GLU B 64 -14.64 -23.01 -25.68
C GLU B 64 -15.66 -22.94 -26.84
N LYS B 65 -16.85 -23.50 -26.64
CA LYS B 65 -17.85 -23.52 -27.70
C LYS B 65 -18.37 -22.14 -28.08
N SER B 66 -18.23 -21.13 -27.19
CA SER B 66 -18.66 -19.78 -27.52
C SER B 66 -17.64 -18.93 -28.27
N LYS B 67 -16.45 -19.47 -28.54
CA LYS B 67 -15.40 -18.69 -29.21
C LYS B 67 -15.83 -18.07 -30.53
N SER B 68 -16.47 -18.85 -31.43
CA SER B 68 -16.88 -18.30 -32.72
C SER B 68 -17.94 -17.21 -32.58
N LEU B 69 -18.81 -17.32 -31.56
CA LEU B 69 -19.84 -16.30 -31.32
C LEU B 69 -19.18 -14.98 -30.96
N ILE B 70 -18.17 -15.05 -30.08
CA ILE B 70 -17.44 -13.82 -29.72
C ILE B 70 -16.64 -13.30 -30.89
N ALA B 71 -15.96 -14.22 -31.63
CA ALA B 71 -15.13 -13.86 -32.79
C ALA B 71 -15.93 -13.18 -33.89
N SER B 72 -17.23 -13.53 -34.03
CA SER B 72 -18.09 -12.93 -35.07
C SER B 72 -18.26 -11.42 -34.86
N LYS B 73 -18.12 -10.94 -33.62
CA LYS B 73 -18.29 -9.54 -33.24
C LYS B 73 -19.68 -8.99 -33.58
N MET B 74 -20.67 -9.87 -33.72
CA MET B 74 -22.06 -9.53 -34.04
C MET B 74 -22.92 -9.34 -32.80
N TYR B 75 -22.54 -9.97 -31.69
CA TYR B 75 -23.39 -10.03 -30.52
C TYR B 75 -22.97 -9.08 -29.41
N SER B 76 -23.88 -8.90 -28.45
CA SER B 76 -23.56 -8.18 -27.25
C SER B 76 -23.07 -9.25 -26.24
N SER B 77 -22.72 -8.85 -25.03
CA SER B 77 -22.25 -9.77 -24.00
C SER B 77 -23.08 -9.63 -22.72
N MET B 78 -23.03 -10.65 -21.86
CA MET B 78 -23.84 -10.73 -20.66
C MET B 78 -23.63 -9.57 -19.74
N GLY B 79 -24.66 -8.77 -19.61
CA GLY B 79 -24.66 -7.62 -18.72
C GLY B 79 -25.07 -7.99 -17.32
N LEU B 80 -25.30 -6.97 -16.50
CA LEU B 80 -25.67 -7.16 -15.11
C LEU B 80 -27.17 -7.47 -14.96
N PHE B 81 -27.55 -8.03 -13.82
CA PHE B 81 -28.93 -8.27 -13.43
C PHE B 81 -29.70 -9.20 -14.36
N VAL B 82 -29.01 -10.20 -14.92
CA VAL B 82 -29.66 -11.20 -15.76
C VAL B 82 -29.40 -12.50 -15.01
N LYS B 83 -30.46 -13.09 -14.45
CA LYS B 83 -30.40 -14.34 -13.70
C LYS B 83 -30.86 -15.56 -14.49
N ALA B 84 -31.46 -15.35 -15.68
CA ALA B 84 -31.78 -16.44 -16.61
C ALA B 84 -30.40 -16.97 -17.10
N ILE B 85 -30.31 -18.28 -17.33
CA ILE B 85 -29.02 -18.87 -17.67
C ILE B 85 -28.92 -19.29 -19.12
N SER B 86 -27.68 -19.48 -19.60
CA SER B 86 -27.44 -19.88 -20.97
C SER B 86 -27.83 -21.34 -21.27
N SER B 87 -27.95 -21.67 -22.56
CA SER B 87 -28.20 -23.00 -23.01
C SER B 87 -26.85 -23.64 -23.42
N ASP B 88 -26.75 -24.97 -23.26
CA ASP B 88 -25.61 -25.77 -23.70
C ASP B 88 -26.02 -26.83 -24.76
N TRP B 89 -27.13 -26.57 -25.46
CA TRP B 89 -27.65 -27.50 -26.45
C TRP B 89 -28.46 -26.77 -27.52
N GLY B 90 -28.72 -27.48 -28.62
CA GLY B 90 -29.52 -26.96 -29.73
C GLY B 90 -28.87 -25.80 -30.45
N PRO B 91 -29.65 -25.13 -31.31
CA PRO B 91 -29.11 -23.95 -32.00
C PRO B 91 -28.94 -22.74 -31.06
N MET B 92 -29.54 -22.77 -29.85
CA MET B 92 -29.41 -21.70 -28.87
C MET B 92 -28.18 -21.85 -27.98
N SER B 93 -27.31 -22.85 -28.24
CA SER B 93 -26.13 -23.09 -27.43
CA SER B 93 -26.07 -23.10 -27.50
C SER B 93 -25.27 -21.83 -27.36
N GLY B 94 -25.01 -21.40 -26.12
CA GLY B 94 -24.22 -20.21 -25.87
C GLY B 94 -25.01 -18.93 -25.69
N PHE B 95 -26.36 -18.99 -25.85
CA PHE B 95 -27.26 -17.86 -25.68
C PHE B 95 -28.19 -18.12 -24.51
N ILE B 96 -28.91 -17.10 -24.06
CA ILE B 96 -29.84 -17.21 -22.92
C ILE B 96 -31.24 -17.16 -23.52
N PRO B 97 -31.91 -18.31 -23.62
CA PRO B 97 -33.24 -18.31 -24.24
C PRO B 97 -34.26 -17.62 -23.32
N VAL B 98 -35.21 -16.87 -23.90
CA VAL B 98 -36.28 -16.22 -23.12
C VAL B 98 -37.15 -17.34 -22.50
N ASP B 99 -37.42 -18.40 -23.26
CA ASP B 99 -38.13 -19.58 -22.75
C ASP B 99 -37.01 -20.47 -22.17
N GLN B 100 -36.91 -20.49 -20.83
CA GLN B 100 -35.85 -21.18 -20.11
C GLN B 100 -35.96 -22.72 -20.15
N SER B 101 -37.02 -23.28 -20.76
CA SER B 101 -37.05 -24.73 -21.02
C SER B 101 -35.93 -25.09 -22.05
N PHE B 102 -35.43 -24.10 -22.82
CA PHE B 102 -34.37 -24.34 -23.79
C PHE B 102 -32.97 -24.10 -23.20
N ALA B 103 -32.87 -23.79 -21.89
CA ALA B 103 -31.59 -23.50 -21.25
C ALA B 103 -30.97 -24.82 -20.67
N LYS B 104 -29.85 -24.75 -19.90
CA LYS B 104 -29.18 -25.89 -19.27
C LYS B 104 -30.12 -26.65 -18.35
N ALA B 105 -29.72 -27.88 -17.95
CA ALA B 105 -30.55 -28.78 -17.13
C ALA B 105 -31.07 -28.18 -15.84
N SER B 106 -30.29 -27.34 -15.14
CA SER B 106 -30.75 -26.73 -13.90
C SER B 106 -31.97 -25.81 -14.09
N ALA B 107 -32.05 -25.13 -15.25
CA ALA B 107 -33.22 -24.31 -15.55
C ALA B 107 -34.39 -25.22 -15.96
N ARG B 108 -34.14 -26.26 -16.75
CA ARG B 108 -35.21 -27.16 -17.22
C ARG B 108 -35.97 -27.87 -16.10
N ARG B 109 -35.30 -28.09 -14.96
CA ARG B 109 -35.96 -28.73 -13.83
C ARG B 109 -36.54 -27.72 -12.82
N ASP B 110 -36.42 -26.41 -13.09
CA ASP B 110 -36.95 -25.32 -12.29
C ASP B 110 -37.51 -24.25 -13.22
N LEU B 111 -38.45 -24.65 -14.10
CA LEU B 111 -39.00 -23.75 -15.12
C LEU B 111 -39.59 -22.47 -14.58
N GLU B 112 -40.48 -22.54 -13.59
CA GLU B 112 -41.14 -21.34 -13.07
C GLU B 112 -40.14 -20.31 -12.53
N LYS B 113 -39.14 -20.77 -11.80
CA LYS B 113 -38.10 -19.90 -11.24
C LYS B 113 -37.29 -19.22 -12.33
N PHE B 114 -36.84 -19.97 -13.33
CA PHE B 114 -35.97 -19.41 -14.37
C PHE B 114 -36.73 -18.59 -15.40
N ASN B 115 -37.96 -19.00 -15.82
CA ASN B 115 -38.77 -18.20 -16.74
C ASN B 115 -39.09 -16.83 -16.10
N GLU B 116 -39.28 -16.79 -14.77
CA GLU B 116 -39.54 -15.52 -14.09
C GLU B 116 -38.29 -14.60 -14.12
N TYR B 117 -37.08 -15.18 -13.98
CA TYR B 117 -35.82 -14.41 -14.08
C TYR B 117 -35.72 -13.78 -15.47
N ALA B 118 -36.02 -14.57 -16.56
CA ALA B 118 -35.93 -14.03 -17.91
C ALA B 118 -36.92 -12.90 -18.10
N GLU B 119 -38.17 -13.08 -17.64
CA GLU B 119 -39.20 -12.08 -17.80
CA GLU B 119 -39.24 -12.11 -17.74
C GLU B 119 -38.88 -10.81 -17.02
N GLN B 120 -38.40 -10.93 -15.77
CA GLN B 120 -38.03 -9.77 -14.95
C GLN B 120 -36.84 -9.00 -15.54
N SER B 121 -35.91 -9.69 -16.22
CA SER B 121 -34.77 -8.99 -16.83
C SER B 121 -35.26 -8.03 -17.91
N ILE B 122 -36.28 -8.43 -18.68
CA ILE B 122 -36.88 -7.61 -19.71
C ILE B 122 -37.72 -6.47 -19.09
N LEU B 123 -38.61 -6.79 -18.13
CA LEU B 123 -39.45 -5.80 -17.44
C LEU B 123 -38.68 -4.70 -16.67
N SER B 124 -37.46 -5.00 -16.22
CA SER B 124 -36.68 -3.99 -15.51
C SER B 124 -35.75 -3.16 -16.42
N GLY B 125 -35.88 -3.31 -17.74
CA GLY B 125 -35.04 -2.59 -18.69
C GLY B 125 -33.60 -3.07 -18.71
N ASN B 126 -33.34 -4.28 -18.22
CA ASN B 126 -31.99 -4.85 -18.22
C ASN B 126 -31.69 -5.77 -19.41
N ALA B 127 -32.70 -6.06 -20.23
CA ALA B 127 -32.58 -6.93 -21.39
C ALA B 127 -33.79 -6.74 -22.29
N VAL B 128 -33.71 -7.19 -23.55
CA VAL B 128 -34.83 -7.21 -24.47
C VAL B 128 -34.99 -8.65 -25.01
N SER B 129 -36.15 -8.96 -25.60
CA SER B 129 -36.38 -10.24 -26.26
C SER B 129 -35.91 -10.01 -27.71
N ALA B 130 -34.88 -10.73 -28.13
CA ALA B 130 -34.32 -10.58 -29.47
C ALA B 130 -34.40 -11.84 -30.31
N ASN B 131 -34.44 -11.66 -31.63
CA ASN B 131 -34.36 -12.78 -32.56
C ASN B 131 -32.92 -13.36 -32.53
N LEU B 132 -32.79 -14.63 -32.89
CA LEU B 132 -31.49 -15.29 -32.88
C LEU B 132 -31.08 -15.64 -34.27
N TYR B 133 -30.01 -15.01 -34.75
CA TYR B 133 -29.40 -15.26 -36.05
C TYR B 133 -28.03 -15.84 -35.79
N LEU B 134 -27.69 -16.88 -36.51
CA LEU B 134 -26.40 -17.55 -36.41
C LEU B 134 -25.70 -17.42 -37.74
N ASN B 135 -24.37 -17.36 -37.72
CA ASN B 135 -23.65 -17.29 -39.00
C ASN B 135 -23.35 -18.71 -39.55
N GLN B 136 -22.87 -18.78 -40.79
CA GLN B 136 -22.54 -20.05 -41.43
C GLN B 136 -21.47 -20.81 -40.62
N VAL B 137 -20.49 -20.10 -40.03
CA VAL B 137 -19.46 -20.73 -39.16
C VAL B 137 -20.13 -21.52 -38.03
N ARG B 138 -21.15 -20.91 -37.43
CA ARG B 138 -21.85 -21.54 -36.32
C ARG B 138 -22.63 -22.78 -36.73
N ILE B 139 -23.32 -22.72 -37.87
CA ILE B 139 -24.04 -23.90 -38.39
C ILE B 139 -23.07 -25.06 -38.64
N GLU B 140 -21.88 -24.75 -39.25
CA GLU B 140 -20.91 -25.79 -39.51
C GLU B 140 -20.33 -26.35 -38.22
N GLU B 141 -20.11 -25.50 -37.20
CA GLU B 141 -19.60 -26.00 -35.91
C GLU B 141 -20.60 -26.93 -35.27
N LEU B 142 -21.86 -26.50 -35.18
CA LEU B 142 -22.89 -27.31 -34.52
C LEU B 142 -23.17 -28.63 -35.26
N VAL B 143 -23.21 -28.60 -36.57
CA VAL B 143 -23.45 -29.84 -37.34
C VAL B 143 -22.23 -30.75 -37.40
N SER B 144 -21.06 -30.21 -37.79
CA SER B 144 -19.86 -31.00 -38.08
C SER B 144 -18.79 -31.07 -36.99
N LYS B 145 -18.41 -29.94 -36.39
CA LYS B 145 -17.35 -29.94 -35.39
C LYS B 145 -17.78 -30.56 -34.08
N TYR B 146 -18.90 -30.10 -33.51
CA TYR B 146 -19.38 -30.59 -32.23
C TYR B 146 -20.47 -31.66 -32.35
N GLU B 147 -21.11 -31.81 -33.52
CA GLU B 147 -22.21 -32.79 -33.73
C GLU B 147 -23.31 -32.63 -32.67
N SER B 148 -23.63 -31.37 -32.39
CA SER B 148 -24.67 -30.91 -31.48
C SER B 148 -26.05 -30.91 -32.13
N LEU B 149 -26.10 -30.82 -33.47
CA LEU B 149 -27.32 -30.79 -34.25
C LEU B 149 -27.24 -31.85 -35.33
N THR B 150 -28.40 -32.43 -35.65
CA THR B 150 -28.49 -33.39 -36.72
C THR B 150 -28.41 -32.64 -38.05
N PRO B 151 -27.97 -33.32 -39.14
CA PRO B 151 -27.89 -32.63 -40.44
C PRO B 151 -29.18 -31.92 -40.85
N LEU B 152 -29.06 -30.71 -41.36
CA LEU B 152 -30.19 -29.88 -41.76
C LEU B 152 -30.96 -30.48 -42.94
N GLU B 153 -32.29 -30.57 -42.84
CA GLU B 153 -33.11 -31.14 -43.90
C GLU B 153 -34.15 -30.14 -44.35
N LEU B 154 -34.15 -29.76 -45.64
CA LEU B 154 -35.10 -28.77 -46.14
C LEU B 154 -36.56 -29.21 -46.00
N ASP B 155 -37.38 -28.37 -45.37
CA ASP B 155 -38.81 -28.56 -45.15
C ASP B 155 -39.47 -27.67 -46.20
N VAL B 156 -39.82 -28.26 -47.34
CA VAL B 156 -40.34 -27.60 -48.53
C VAL B 156 -41.54 -26.64 -48.28
N ASP B 157 -42.45 -26.96 -47.34
CA ASP B 157 -43.61 -26.09 -47.07
C ASP B 157 -43.25 -24.71 -46.46
N SER B 158 -42.32 -24.69 -45.50
CA SER B 158 -41.90 -23.43 -44.89
C SER B 158 -40.67 -22.80 -45.55
N GLY B 159 -39.89 -23.60 -46.26
CA GLY B 159 -38.63 -23.15 -46.85
C GLY B 159 -37.50 -23.12 -45.81
N MET B 160 -37.73 -23.70 -44.62
CA MET B 160 -36.72 -23.73 -43.57
C MET B 160 -36.08 -25.11 -43.49
N TYR B 161 -34.93 -25.23 -42.84
CA TYR B 161 -34.25 -26.49 -42.66
C TYR B 161 -34.52 -26.99 -41.25
N LYS B 162 -34.99 -28.22 -41.11
CA LYS B 162 -35.28 -28.83 -39.84
C LYS B 162 -34.07 -29.62 -39.31
N THR B 163 -33.85 -29.56 -38.00
CA THR B 163 -32.76 -30.23 -37.30
C THR B 163 -33.20 -30.47 -35.84
N THR B 164 -32.54 -31.42 -35.17
CA THR B 164 -32.80 -31.65 -33.75
C THR B 164 -31.46 -31.63 -33.02
N ALA B 165 -31.50 -31.40 -31.72
CA ALA B 165 -30.31 -31.43 -30.90
C ALA B 165 -29.93 -32.89 -30.56
N THR B 166 -28.62 -33.15 -30.43
CA THR B 166 -28.12 -34.48 -30.08
C THR B 166 -27.92 -34.65 -28.56
N ASN B 167 -28.23 -33.61 -27.78
CA ASN B 167 -28.24 -33.57 -26.32
C ASN B 167 -29.41 -32.64 -25.88
N GLY B 168 -29.66 -32.50 -24.58
CA GLY B 168 -30.83 -31.76 -24.10
C GLY B 168 -32.07 -32.56 -24.43
N ASP B 169 -33.12 -31.91 -24.97
CA ASP B 169 -34.33 -32.64 -25.35
C ASP B 169 -34.23 -32.91 -26.85
N GLN B 170 -33.95 -34.17 -27.18
CA GLN B 170 -33.77 -34.59 -28.56
C GLN B 170 -35.05 -34.72 -29.36
N THR B 171 -36.21 -34.59 -28.71
CA THR B 171 -37.50 -34.67 -29.42
C THR B 171 -37.97 -33.34 -30.03
N ILE B 172 -37.32 -32.24 -29.67
CA ILE B 172 -37.73 -30.92 -30.15
C ILE B 172 -37.12 -30.57 -31.49
N PRO B 173 -37.96 -30.32 -32.50
CA PRO B 173 -37.43 -29.89 -33.79
C PRO B 173 -37.17 -28.37 -33.80
N PHE B 174 -36.11 -27.96 -34.48
CA PHE B 174 -35.78 -26.56 -34.70
C PHE B 174 -35.78 -26.31 -36.21
N PHE B 175 -36.07 -25.07 -36.61
CA PHE B 175 -36.17 -24.73 -38.02
C PHE B 175 -35.32 -23.53 -38.30
N LEU B 176 -34.39 -23.65 -39.26
CA LEU B 176 -33.44 -22.58 -39.53
C LEU B 176 -33.75 -21.98 -40.90
N ASN B 177 -33.80 -20.65 -40.99
CA ASN B 177 -34.15 -19.99 -42.24
C ASN B 177 -33.04 -19.10 -42.74
N LYS B 178 -32.66 -19.19 -44.02
CA LYS B 178 -31.61 -18.33 -44.56
C LYS B 178 -32.18 -16.92 -44.76
N VAL B 179 -31.54 -15.91 -44.11
CA VAL B 179 -31.96 -14.51 -44.17
C VAL B 179 -30.76 -13.59 -44.45
N THR B 180 -31.04 -12.34 -44.87
CA THR B 180 -29.98 -11.35 -45.05
C THR B 180 -30.20 -10.29 -43.99
N VAL B 181 -29.23 -10.10 -43.09
CA VAL B 181 -29.33 -9.10 -42.05
C VAL B 181 -28.11 -8.20 -42.16
N ASP B 182 -28.32 -6.96 -42.65
CA ASP B 182 -27.26 -5.96 -42.84
C ASP B 182 -26.09 -6.51 -43.67
N ASP B 183 -26.39 -6.93 -44.91
CA ASP B 183 -25.41 -7.48 -45.87
C ASP B 183 -24.74 -8.80 -45.43
N LYS B 184 -25.32 -9.49 -44.43
CA LYS B 184 -24.75 -10.76 -43.97
C LYS B 184 -25.74 -11.89 -44.20
N GLU B 185 -25.27 -13.01 -44.74
CA GLU B 185 -26.10 -14.17 -44.97
C GLU B 185 -26.12 -15.00 -43.69
N LEU B 186 -27.20 -14.88 -42.94
CA LEU B 186 -27.31 -15.54 -41.64
C LEU B 186 -28.46 -16.56 -41.62
N TRP B 187 -28.57 -17.32 -40.52
CA TRP B 187 -29.62 -18.31 -40.35
C TRP B 187 -30.44 -17.88 -39.16
N GLN B 188 -31.75 -17.63 -39.37
CA GLN B 188 -32.60 -17.25 -38.25
C GLN B 188 -33.18 -18.51 -37.61
N VAL B 189 -33.21 -18.54 -36.26
CA VAL B 189 -33.68 -19.73 -35.56
C VAL B 189 -35.16 -19.58 -35.29
N HIS B 190 -35.92 -20.59 -35.67
CA HIS B 190 -37.35 -20.67 -35.46
C HIS B 190 -37.66 -21.98 -34.71
N TYR B 191 -38.83 -22.05 -34.09
CA TYR B 191 -39.25 -23.23 -33.34
C TYR B 191 -40.79 -23.31 -33.31
N LEU B 192 -41.34 -24.40 -32.79
CA LEU B 192 -42.78 -24.53 -32.67
C LEU B 192 -43.26 -24.05 -31.32
N ARG B 193 -43.81 -22.84 -31.29
CA ARG B 193 -44.31 -22.17 -30.08
C ARG B 193 -45.79 -22.47 -30.01
N GLU B 194 -46.23 -23.26 -29.00
CA GLU B 194 -47.62 -23.70 -28.87
CA GLU B 194 -47.64 -23.65 -28.89
C GLU B 194 -48.11 -24.36 -30.20
N GLY B 195 -47.21 -25.11 -30.82
CA GLY B 195 -47.44 -25.86 -32.06
C GLY B 195 -47.24 -25.08 -33.35
N GLU B 196 -47.04 -23.76 -33.25
CA GLU B 196 -46.93 -22.93 -34.45
C GLU B 196 -45.54 -22.37 -34.66
N LEU B 197 -45.07 -22.37 -35.91
CA LEU B 197 -43.75 -21.85 -36.22
C LEU B 197 -43.61 -20.39 -35.82
N ALA B 198 -42.59 -20.10 -35.04
CA ALA B 198 -42.37 -18.77 -34.52
C ALA B 198 -40.87 -18.51 -34.41
N PRO B 199 -40.46 -17.23 -34.43
CA PRO B 199 -39.03 -16.92 -34.26
C PRO B 199 -38.56 -17.16 -32.82
N PHE B 200 -37.44 -17.86 -32.70
CA PHE B 200 -36.88 -18.18 -31.39
C PHE B 200 -36.34 -16.91 -30.74
N LYS B 201 -36.66 -16.67 -29.46
CA LYS B 201 -36.21 -15.48 -28.76
C LYS B 201 -35.13 -15.74 -27.71
N VAL B 202 -34.12 -14.87 -27.68
CA VAL B 202 -33.05 -14.92 -26.69
C VAL B 202 -32.95 -13.55 -25.97
N ILE B 203 -32.32 -13.53 -24.81
CA ILE B 203 -32.11 -12.32 -24.05
C ILE B 203 -31.04 -11.50 -24.78
N GLY B 204 -31.41 -10.27 -25.14
CA GLY B 204 -30.55 -9.32 -25.83
C GLY B 204 -30.24 -8.08 -25.00
N ASP B 205 -29.20 -7.35 -25.36
CA ASP B 205 -28.77 -6.16 -24.63
C ASP B 205 -29.80 -5.04 -24.86
N PRO B 206 -30.17 -4.27 -23.83
CA PRO B 206 -31.18 -3.21 -24.02
C PRO B 206 -30.80 -2.05 -24.94
N VAL B 207 -29.49 -1.74 -25.16
CA VAL B 207 -29.15 -0.63 -26.06
C VAL B 207 -28.86 -1.16 -27.51
N SER B 208 -28.07 -2.23 -27.69
CA SER B 208 -27.79 -2.76 -29.04
C SER B 208 -28.91 -3.63 -29.60
N LYS B 209 -29.76 -4.18 -28.71
CA LYS B 209 -30.84 -5.11 -29.05
C LYS B 209 -30.31 -6.49 -29.51
N GLN B 210 -28.98 -6.72 -29.44
CA GLN B 210 -28.38 -7.94 -29.91
C GLN B 210 -28.28 -8.98 -28.81
N PRO B 211 -28.46 -10.28 -29.17
CA PRO B 211 -28.30 -11.36 -28.17
C PRO B 211 -27.02 -11.25 -27.34
N MET B 212 -27.10 -11.64 -26.06
CA MET B 212 -25.96 -11.64 -25.16
C MET B 212 -25.28 -12.98 -25.18
N THR B 213 -23.97 -12.98 -25.47
CA THR B 213 -23.12 -14.16 -25.36
C THR B 213 -22.44 -14.03 -23.97
N ALA B 214 -21.54 -14.97 -23.58
CA ALA B 214 -20.71 -14.80 -22.38
C ALA B 214 -19.82 -13.54 -22.58
N ASP B 215 -19.51 -12.84 -21.50
CA ASP B 215 -18.66 -11.64 -21.57
C ASP B 215 -17.23 -12.02 -21.10
N TYR B 216 -16.33 -11.03 -21.03
CA TYR B 216 -15.02 -11.24 -20.44
C TYR B 216 -15.18 -10.78 -19.00
N ASP B 217 -15.36 -11.72 -18.10
CA ASP B 217 -15.56 -11.45 -16.68
C ASP B 217 -14.23 -11.32 -15.97
N LEU B 218 -13.92 -10.11 -15.51
CA LEU B 218 -12.66 -9.88 -14.81
C LEU B 218 -12.64 -10.59 -13.46
N LEU B 219 -11.61 -11.40 -13.25
CA LEU B 219 -11.38 -12.17 -12.02
C LEU B 219 -10.69 -11.29 -10.99
N THR B 220 -9.71 -10.50 -11.43
CA THR B 220 -8.96 -9.60 -10.57
C THR B 220 -8.19 -8.61 -11.44
N VAL B 221 -7.77 -7.51 -10.82
CA VAL B 221 -6.91 -6.51 -11.45
C VAL B 221 -5.90 -6.19 -10.35
N MET B 222 -4.61 -6.28 -10.66
CA MET B 222 -3.56 -5.96 -9.70
C MET B 222 -2.80 -4.76 -10.24
N TYR B 223 -2.73 -3.69 -9.45
CA TYR B 223 -2.09 -2.44 -9.86
C TYR B 223 -0.72 -2.26 -9.21
N THR B 224 0.11 -1.39 -9.80
CA THR B 224 1.40 -1.06 -9.21
CA THR B 224 1.40 -1.02 -9.21
C THR B 224 1.11 -0.16 -7.98
N TYR B 225 2.09 -0.01 -7.06
CA TYR B 225 1.88 0.81 -5.86
C TYR B 225 1.40 2.21 -6.13
N GLY B 226 1.95 2.87 -7.15
CA GLY B 226 1.55 4.21 -7.55
C GLY B 226 0.06 4.34 -7.83
N ASP B 227 -0.57 3.28 -8.37
CA ASP B 227 -2.00 3.30 -8.64
C ASP B 227 -2.89 2.88 -7.47
N LEU B 228 -2.30 2.60 -6.30
CA LEU B 228 -3.08 2.26 -5.12
C LEU B 228 -3.31 3.53 -4.28
N GLY B 229 -4.33 3.51 -3.44
CA GLY B 229 -4.62 4.66 -2.58
C GLY B 229 -6.05 5.12 -2.54
N PRO B 230 -6.26 6.30 -1.94
CA PRO B 230 -7.61 6.83 -1.84
C PRO B 230 -8.16 7.24 -3.19
N GLN B 231 -9.47 7.11 -3.35
CA GLN B 231 -10.15 7.43 -4.59
C GLN B 231 -10.48 8.92 -4.69
N ASP B 232 -10.59 9.44 -5.93
CA ASP B 232 -10.98 10.83 -6.14
C ASP B 232 -12.51 10.99 -6.18
N LYS B 233 -13.25 10.08 -5.52
CA LYS B 233 -14.71 10.13 -5.49
C LYS B 233 -15.14 11.26 -4.58
N VAL B 234 -15.59 12.35 -5.19
CA VAL B 234 -16.06 13.52 -4.47
C VAL B 234 -17.53 13.36 -3.98
N LYS B 235 -18.04 12.11 -3.92
CA LYS B 235 -19.38 11.77 -3.49
C LYS B 235 -19.33 10.43 -2.75
N SER B 278 -15.33 1.67 -8.48
CA SER B 278 -13.99 2.27 -8.48
C SER B 278 -13.74 3.08 -9.75
N ASP B 279 -13.23 4.31 -9.63
CA ASP B 279 -12.95 5.14 -10.79
C ASP B 279 -11.80 4.60 -11.64
N ARG B 280 -10.74 4.09 -11.00
CA ARG B 280 -9.59 3.54 -11.70
C ARG B 280 -9.99 2.27 -12.48
N LEU B 281 -10.83 1.41 -11.87
CA LEU B 281 -11.33 0.19 -12.53
C LEU B 281 -12.30 0.53 -13.66
N LYS B 282 -13.14 1.57 -13.45
CA LYS B 282 -14.04 2.04 -14.51
C LYS B 282 -13.21 2.55 -15.69
N GLU B 283 -12.17 3.32 -15.40
CA GLU B 283 -11.29 3.88 -16.43
C GLU B 283 -10.57 2.78 -17.19
N LEU B 284 -10.08 1.74 -16.49
CA LEU B 284 -9.40 0.60 -17.09
C LEU B 284 -10.37 -0.20 -17.98
N LYS B 285 -11.62 -0.39 -17.52
CA LYS B 285 -12.61 -1.11 -18.33
C LYS B 285 -12.91 -0.36 -19.62
N ASP B 286 -12.91 0.98 -19.58
CA ASP B 286 -13.13 1.78 -20.77
C ASP B 286 -11.96 1.63 -21.72
N VAL B 287 -10.71 1.60 -21.20
CA VAL B 287 -9.53 1.39 -22.04
C VAL B 287 -9.63 -0.01 -22.71
N ILE B 288 -10.01 -1.05 -21.94
CA ILE B 288 -10.15 -2.40 -22.50
C ILE B 288 -11.17 -2.43 -23.65
N ASN B 289 -12.38 -1.90 -23.40
CA ASN B 289 -13.43 -1.89 -24.44
C ASN B 289 -12.99 -1.07 -25.63
N THR B 290 -12.29 0.05 -25.40
CA THR B 290 -11.81 0.86 -26.52
C THR B 290 -10.80 0.09 -27.35
N SER B 291 -9.86 -0.63 -26.69
CA SER B 291 -8.82 -1.40 -27.37
C SER B 291 -9.40 -2.63 -28.10
N LEU B 292 -10.49 -3.22 -27.55
CA LEU B 292 -11.17 -4.35 -28.18
C LEU B 292 -11.88 -3.97 -29.50
N GLY B 293 -12.22 -2.70 -29.62
CA GLY B 293 -12.68 -2.05 -30.83
C GLY B 293 -13.98 -2.48 -31.42
N ARG B 294 -14.88 -3.01 -30.57
CA ARG B 294 -16.18 -3.43 -31.05
C ARG B 294 -17.06 -2.23 -31.39
N THR B 295 -18.13 -2.46 -32.16
CA THR B 295 -19.14 -1.45 -32.47
C THR B 295 -19.77 -0.99 -31.14
N ASP B 296 -20.14 0.30 -31.01
CA ASP B 296 -20.75 0.82 -29.78
C ASP B 296 -22.01 0.02 -29.42
N GLY B 297 -22.06 -0.49 -28.20
CA GLY B 297 -23.17 -1.32 -27.73
C GLY B 297 -22.84 -2.80 -27.66
N LEU B 298 -21.75 -3.24 -28.33
CA LEU B 298 -21.35 -4.65 -28.34
C LEU B 298 -20.10 -4.91 -27.50
N GLU B 299 -19.97 -4.21 -26.36
CA GLU B 299 -18.80 -4.33 -25.49
C GLU B 299 -18.71 -5.71 -24.82
N MET B 300 -17.47 -6.19 -24.63
CA MET B 300 -17.20 -7.47 -23.98
C MET B 300 -16.99 -7.33 -22.47
N VAL B 301 -16.72 -6.11 -21.99
CA VAL B 301 -16.49 -5.89 -20.57
C VAL B 301 -17.51 -4.90 -20.04
N HIS B 302 -18.10 -5.20 -18.89
CA HIS B 302 -19.13 -4.36 -18.32
C HIS B 302 -18.71 -3.74 -17.00
N HIS B 303 -19.11 -2.48 -16.80
CA HIS B 303 -18.88 -1.75 -15.57
C HIS B 303 -19.74 -2.36 -14.48
N GLY B 304 -19.24 -2.29 -13.25
CA GLY B 304 -19.92 -2.90 -12.13
C GLY B 304 -19.70 -4.40 -12.11
N ALA B 305 -20.33 -5.08 -11.17
CA ALA B 305 -20.20 -6.52 -11.04
C ALA B 305 -21.42 -7.10 -10.34
N ASP B 306 -21.86 -8.29 -10.78
CA ASP B 306 -22.97 -8.98 -10.14
C ASP B 306 -22.50 -9.61 -8.81
N ASP B 307 -23.45 -10.10 -7.99
CA ASP B 307 -23.17 -10.76 -6.71
C ASP B 307 -22.13 -11.91 -6.85
N ALA B 308 -21.51 -12.32 -5.74
CA ALA B 308 -20.50 -13.38 -5.73
C ALA B 308 -21.04 -14.75 -6.15
N ASN B 309 -22.34 -15.01 -5.88
CA ASN B 309 -23.05 -16.26 -6.21
C ASN B 309 -22.52 -17.48 -5.43
N PRO B 310 -23.41 -18.22 -4.75
CA PRO B 310 -22.95 -19.41 -4.01
C PRO B 310 -22.82 -20.65 -4.90
N TYR B 311 -21.89 -20.62 -5.86
CA TYR B 311 -21.62 -21.71 -6.78
C TYR B 311 -20.11 -21.95 -6.91
N ALA B 312 -19.70 -23.18 -7.25
CA ALA B 312 -18.27 -23.47 -7.38
C ALA B 312 -17.87 -23.82 -8.88
N VAL B 313 -17.99 -25.09 -9.38
CA VAL B 313 -17.61 -25.52 -10.73
C VAL B 313 -16.22 -25.01 -11.14
N MET B 314 -15.24 -25.93 -11.23
CA MET B 314 -13.86 -25.61 -11.59
C MET B 314 -13.72 -25.08 -13.02
N ALA B 315 -14.64 -25.46 -13.92
CA ALA B 315 -14.66 -24.98 -15.30
C ALA B 315 -15.07 -23.49 -15.41
N ASP B 316 -15.69 -22.92 -14.36
CA ASP B 316 -16.09 -21.52 -14.34
C ASP B 316 -14.94 -20.60 -13.91
N ASN B 317 -13.88 -21.14 -13.27
CA ASN B 317 -12.76 -20.35 -12.78
C ASN B 317 -11.45 -20.64 -13.49
N PHE B 318 -11.28 -21.87 -14.01
CA PHE B 318 -10.06 -22.25 -14.71
C PHE B 318 -10.35 -22.91 -16.07
N PRO B 319 -9.45 -22.81 -17.07
CA PRO B 319 -8.19 -22.04 -17.06
C PRO B 319 -8.45 -20.54 -17.20
N ALA B 320 -7.88 -19.74 -16.29
CA ALA B 320 -8.05 -18.30 -16.34
C ALA B 320 -6.91 -17.71 -17.18
N THR B 321 -7.17 -16.60 -17.87
CA THR B 321 -6.16 -15.97 -18.69
C THR B 321 -5.72 -14.69 -17.99
N PHE B 322 -4.44 -14.59 -17.65
CA PHE B 322 -3.85 -13.42 -17.03
C PHE B 322 -2.99 -12.65 -18.03
N PHE B 323 -3.02 -11.34 -17.94
CA PHE B 323 -2.30 -10.47 -18.86
C PHE B 323 -1.39 -9.60 -18.00
N VAL B 324 -0.11 -9.52 -18.34
CA VAL B 324 0.87 -8.83 -17.48
C VAL B 324 1.74 -7.86 -18.25
N PRO B 325 2.29 -6.83 -17.56
CA PRO B 325 3.26 -5.93 -18.21
C PRO B 325 4.43 -6.72 -18.81
N LYS B 326 4.97 -6.27 -19.94
CA LYS B 326 6.01 -6.99 -20.68
C LYS B 326 7.32 -7.24 -19.94
N HIS B 327 7.62 -6.46 -18.89
CA HIS B 327 8.86 -6.65 -18.15
C HIS B 327 8.93 -8.03 -17.47
N PHE B 328 7.76 -8.67 -17.21
CA PHE B 328 7.68 -10.01 -16.64
C PHE B 328 8.24 -11.10 -17.56
N PHE B 329 8.26 -10.81 -18.88
CA PHE B 329 8.75 -11.75 -19.89
C PHE B 329 10.26 -11.69 -20.14
N ASP B 330 10.94 -10.65 -19.62
CA ASP B 330 12.40 -10.49 -19.74
C ASP B 330 13.16 -11.53 -18.88
N ASP B 331 14.49 -11.65 -19.10
CA ASP B 331 15.36 -12.57 -18.34
C ASP B 331 15.32 -12.28 -16.83
N ASP B 332 15.20 -11.00 -16.44
CA ASP B 332 15.09 -10.65 -15.03
C ASP B 332 13.63 -10.36 -14.62
N GLY B 333 12.69 -11.06 -15.26
CA GLY B 333 11.26 -10.90 -15.04
C GLY B 333 10.83 -11.03 -13.60
N LEU B 334 11.19 -12.14 -12.95
CA LEU B 334 10.82 -12.35 -11.55
C LEU B 334 11.95 -11.94 -10.60
N GLY B 335 12.74 -10.93 -10.97
CA GLY B 335 13.85 -10.46 -10.17
C GLY B 335 15.20 -10.67 -10.83
N GLU B 336 16.24 -9.98 -10.32
CA GLU B 336 17.60 -10.06 -10.86
C GLU B 336 18.10 -11.50 -10.99
N GLY B 337 18.24 -11.97 -12.23
CA GLY B 337 18.69 -13.33 -12.53
C GLY B 337 17.78 -14.44 -12.05
N LYS B 338 16.51 -14.10 -11.77
CA LYS B 338 15.54 -15.08 -11.27
C LYS B 338 14.71 -15.80 -12.35
N GLY B 339 14.82 -15.34 -13.59
CA GLY B 339 14.10 -15.96 -14.69
C GLY B 339 12.86 -15.21 -15.10
N SER B 340 12.32 -15.57 -16.26
CA SER B 340 11.13 -14.95 -16.83
C SER B 340 9.86 -15.66 -16.34
N ILE B 341 8.71 -14.97 -16.34
CA ILE B 341 7.46 -15.59 -15.90
C ILE B 341 7.06 -16.81 -16.76
N GLN B 342 7.39 -16.81 -18.07
CA GLN B 342 7.09 -17.94 -18.95
C GLN B 342 7.92 -19.20 -18.66
N THR B 343 8.99 -19.07 -17.87
CA THR B 343 9.78 -20.22 -17.44
C THR B 343 9.00 -21.04 -16.39
N TYR B 344 8.13 -20.37 -15.58
CA TYR B 344 7.43 -21.06 -14.49
C TYR B 344 5.92 -21.15 -14.66
N PHE B 345 5.35 -20.35 -15.57
CA PHE B 345 3.92 -20.38 -15.86
C PHE B 345 3.75 -20.54 -17.36
N ASN B 346 2.70 -21.25 -17.75
CA ASN B 346 2.38 -21.50 -19.15
C ASN B 346 1.88 -20.23 -19.81
N VAL B 347 2.66 -19.63 -20.71
CA VAL B 347 2.31 -18.42 -21.45
C VAL B 347 2.25 -18.77 -22.94
N ASN B 348 1.20 -18.35 -23.65
CA ASN B 348 1.09 -18.66 -25.08
C ASN B 348 1.76 -17.55 -25.94
N GLU B 349 1.74 -17.70 -27.28
CA GLU B 349 2.32 -16.77 -28.25
CA GLU B 349 2.42 -16.72 -28.15
C GLU B 349 1.72 -15.36 -28.15
N GLN B 350 0.48 -15.26 -27.66
CA GLN B 350 -0.23 -14.00 -27.53
C GLN B 350 0.05 -13.28 -26.19
N GLY B 351 0.88 -13.87 -25.32
CA GLY B 351 1.20 -13.27 -24.03
C GLY B 351 0.19 -13.58 -22.94
N ALA B 352 -0.75 -14.52 -23.19
CA ALA B 352 -1.71 -14.91 -22.15
C ALA B 352 -1.03 -15.87 -21.19
N VAL B 353 -1.02 -15.53 -19.88
CA VAL B 353 -0.47 -16.39 -18.84
C VAL B 353 -1.64 -17.26 -18.39
N VAL B 354 -1.57 -18.58 -18.63
CA VAL B 354 -2.69 -19.46 -18.35
C VAL B 354 -2.59 -20.12 -16.98
N ILE B 355 -3.56 -19.84 -16.12
CA ILE B 355 -3.61 -20.36 -14.76
C ILE B 355 -4.64 -21.47 -14.72
N GLN B 356 -4.17 -22.70 -14.52
CA GLN B 356 -4.97 -23.93 -14.62
C GLN B 356 -5.64 -24.46 -13.36
N ASN B 357 -5.17 -24.08 -12.16
CA ASN B 357 -5.74 -24.60 -10.92
C ASN B 357 -5.48 -23.62 -9.72
N PRO B 358 -6.09 -23.87 -8.54
CA PRO B 358 -5.85 -22.98 -7.39
C PRO B 358 -4.41 -22.86 -6.89
N GLN B 359 -3.57 -23.91 -7.00
CA GLN B 359 -2.19 -23.82 -6.53
CA GLN B 359 -2.18 -23.80 -6.53
C GLN B 359 -1.39 -22.89 -7.45
N GLU B 360 -1.63 -23.01 -8.77
CA GLU B 360 -0.98 -22.16 -9.73
C GLU B 360 -1.45 -20.71 -9.53
N PHE B 361 -2.75 -20.50 -9.23
CA PHE B 361 -3.30 -19.15 -9.00
C PHE B 361 -2.63 -18.54 -7.77
N SER B 362 -2.51 -19.32 -6.70
N SER B 362 -2.50 -19.31 -6.68
CA SER B 362 -1.87 -18.90 -5.46
CA SER B 362 -1.85 -18.78 -5.48
C SER B 362 -0.40 -18.52 -5.70
C SER B 362 -0.38 -18.48 -5.71
N ASN B 363 0.32 -19.33 -6.49
CA ASN B 363 1.72 -19.08 -6.81
C ASN B 363 1.88 -17.83 -7.68
N PHE B 364 1.02 -17.68 -8.69
CA PHE B 364 1.02 -16.50 -9.57
C PHE B 364 0.74 -15.23 -8.71
N GLN B 365 -0.28 -15.29 -7.83
CA GLN B 365 -0.62 -14.16 -6.98
C GLN B 365 0.58 -13.73 -6.11
N GLN B 366 1.31 -14.69 -5.56
CA GLN B 366 2.50 -14.41 -4.75
C GLN B 366 3.59 -13.75 -5.58
N VAL B 367 3.85 -14.24 -6.80
CA VAL B 367 4.85 -13.63 -7.68
C VAL B 367 4.45 -12.18 -7.99
N ALA B 368 3.17 -11.95 -8.31
CA ALA B 368 2.68 -10.61 -8.61
C ALA B 368 2.84 -9.67 -7.38
N ILE B 369 2.46 -10.15 -6.18
CA ILE B 369 2.53 -9.42 -4.91
C ILE B 369 3.99 -9.10 -4.61
N ASN B 370 4.89 -10.09 -4.81
CA ASN B 370 6.33 -9.88 -4.63
C ASN B 370 6.90 -8.84 -5.57
N ALA B 371 6.35 -8.74 -6.77
CA ALA B 371 6.75 -7.76 -7.78
C ALA B 371 6.04 -6.39 -7.60
N SER B 372 5.34 -6.18 -6.47
CA SER B 372 4.64 -4.96 -6.08
C SER B 372 3.40 -4.63 -6.93
N TYR B 373 2.65 -5.68 -7.31
CA TYR B 373 1.35 -5.53 -7.97
C TYR B 373 0.33 -6.10 -7.00
N ARG B 374 -0.70 -5.33 -6.65
CA ARG B 374 -1.70 -5.81 -5.68
C ARG B 374 -3.09 -5.40 -6.08
N ALA B 375 -4.08 -6.18 -5.65
CA ALA B 375 -5.48 -5.80 -5.85
C ALA B 375 -5.75 -4.53 -5.00
N SER B 376 -6.62 -3.65 -5.49
CA SER B 376 -6.92 -2.40 -4.81
C SER B 376 -7.74 -2.59 -3.54
N LEU B 377 -7.75 -1.55 -2.68
CA LEU B 377 -8.58 -1.58 -1.48
C LEU B 377 -10.05 -1.34 -1.94
N ASN B 378 -10.23 -0.36 -2.86
CA ASN B 378 -11.50 0.10 -3.43
C ASN B 378 -12.23 -0.95 -4.28
N ASP B 379 -11.51 -1.92 -4.86
CA ASP B 379 -12.11 -2.95 -5.71
C ASP B 379 -12.68 -4.14 -4.93
N LYS B 380 -13.71 -4.78 -5.50
CA LYS B 380 -14.39 -5.92 -4.89
C LYS B 380 -14.24 -7.16 -5.78
N TRP B 381 -13.49 -8.16 -5.33
CA TRP B 381 -13.31 -9.40 -6.11
C TRP B 381 -13.73 -10.64 -5.35
N ASN B 382 -14.17 -11.66 -6.10
CA ASN B 382 -14.54 -12.96 -5.54
C ASN B 382 -13.30 -13.89 -5.51
N SER B 383 -12.38 -13.74 -6.50
CA SER B 383 -11.13 -14.45 -6.75
C SER B 383 -10.68 -15.41 -5.66
N GLY B 384 -10.65 -16.69 -6.01
CA GLY B 384 -10.24 -17.75 -5.09
C GLY B 384 -10.80 -19.08 -5.51
N LEU B 385 -12.00 -19.42 -5.00
CA LEU B 385 -12.73 -20.66 -5.25
C LEU B 385 -11.90 -21.92 -5.01
N ASP B 386 -12.26 -22.69 -3.96
CA ASP B 386 -11.57 -23.91 -3.54
C ASP B 386 -10.14 -23.53 -3.14
N SER B 387 -10.04 -22.61 -2.18
CA SER B 387 -8.83 -22.01 -1.66
C SER B 387 -7.84 -22.97 -0.99
N PRO B 388 -6.59 -23.00 -1.48
CA PRO B 388 -5.56 -23.80 -0.81
C PRO B 388 -4.98 -23.02 0.37
N LEU B 389 -4.65 -21.72 0.15
CA LEU B 389 -4.08 -20.79 1.13
C LEU B 389 -4.35 -19.34 0.70
N PHE B 390 -5.64 -18.97 0.49
CA PHE B 390 -5.97 -17.62 0.02
C PHE B 390 -6.08 -16.56 1.10
N THR B 391 -5.85 -16.89 2.37
CA THR B 391 -5.94 -15.89 3.44
C THR B 391 -4.85 -14.80 3.29
N THR B 392 -5.11 -13.61 3.83
CA THR B 392 -4.17 -12.49 3.77
C THR B 392 -2.82 -12.83 4.39
N LYS B 393 -2.84 -13.61 5.50
CA LYS B 393 -1.64 -14.07 6.22
C LYS B 393 -0.77 -15.03 5.40
N ARG B 394 -1.37 -15.75 4.44
CA ARG B 394 -0.61 -16.65 3.58
C ARG B 394 -0.04 -15.92 2.36
N LYS B 395 -0.68 -14.82 1.92
CA LYS B 395 -0.21 -14.10 0.74
C LYS B 395 0.60 -12.84 1.03
N LEU B 396 1.18 -12.71 2.23
CA LEU B 396 1.99 -11.53 2.55
C LEU B 396 3.18 -11.39 1.61
N SER B 397 3.52 -10.15 1.24
CA SER B 397 4.68 -9.88 0.42
C SER B 397 5.97 -10.43 1.04
N HIS B 398 6.86 -10.98 0.21
CA HIS B 398 8.13 -11.50 0.71
C HIS B 398 9.06 -10.37 1.13
N ASP B 399 8.92 -9.16 0.56
CA ASP B 399 9.73 -8.01 1.00
C ASP B 399 9.31 -7.64 2.43
N TYR B 400 8.00 -7.73 2.76
CA TYR B 400 7.50 -7.50 4.10
C TYR B 400 8.13 -8.52 5.08
N LEU B 401 7.99 -9.83 4.79
CA LEU B 401 8.49 -10.89 5.66
C LEU B 401 9.99 -10.89 5.80
N ASP B 402 10.73 -10.61 4.71
CA ASP B 402 12.19 -10.55 4.78
C ASP B 402 12.64 -9.36 5.63
N ALA B 403 12.01 -8.19 5.46
CA ALA B 403 12.36 -7.00 6.25
C ALA B 403 12.07 -7.22 7.71
N ARG B 404 10.94 -7.87 8.02
CA ARG B 404 10.62 -8.20 9.41
C ARG B 404 11.70 -9.12 10.03
N ASP B 405 12.13 -10.18 9.28
CA ASP B 405 13.20 -11.09 9.74
C ASP B 405 14.52 -10.33 9.98
N GLU B 406 14.88 -9.43 9.05
CA GLU B 406 16.10 -8.62 9.16
CA GLU B 406 16.11 -8.65 9.19
C GLU B 406 16.06 -7.71 10.39
N VAL B 407 14.91 -7.05 10.61
CA VAL B 407 14.74 -6.13 11.74
C VAL B 407 14.76 -6.90 13.05
N ALA B 408 14.09 -8.06 13.13
CA ALA B 408 14.10 -8.85 14.36
C ALA B 408 15.53 -9.28 14.73
N LYS B 409 16.34 -9.62 13.72
CA LYS B 409 17.74 -10.02 13.91
C LYS B 409 18.59 -8.82 14.35
N LYS B 410 18.45 -7.69 13.66
CA LYS B 410 19.20 -6.47 13.94
C LYS B 410 18.81 -5.84 15.28
N LEU B 411 17.54 -5.93 15.66
CA LEU B 411 17.09 -5.39 16.94
C LEU B 411 17.58 -6.20 18.14
N GLY B 412 18.23 -7.35 17.91
CA GLY B 412 18.78 -8.20 18.97
C GLY B 412 17.82 -9.26 19.46
N SER B 445 35.77 8.58 49.55
CA SER B 445 34.86 8.70 50.68
C SER B 445 33.41 8.64 50.21
N PRO B 446 32.86 7.44 49.97
CA PRO B 446 31.46 7.34 49.52
C PRO B 446 30.46 7.47 50.66
N PRO B 447 29.53 8.44 50.56
CA PRO B 447 28.51 8.61 51.60
C PRO B 447 27.59 7.40 51.75
N PRO B 448 27.03 7.17 52.94
CA PRO B 448 26.14 6.00 53.12
C PRO B 448 24.82 6.14 52.36
N PRO B 449 24.33 5.05 51.78
CA PRO B 449 23.07 5.12 51.02
C PRO B 449 21.84 5.30 51.90
N PRO B 450 20.69 5.71 51.32
CA PRO B 450 19.46 5.84 52.13
C PRO B 450 19.09 4.50 52.80
N GLY B 451 19.20 4.48 54.12
CA GLY B 451 18.96 3.28 54.91
C GLY B 451 20.20 2.90 55.71
N GLY B 452 21.37 3.06 55.09
CA GLY B 452 22.66 2.77 55.70
C GLY B 452 23.13 1.34 55.58
N ALA B 453 22.75 0.65 54.49
CA ALA B 453 23.12 -0.75 54.32
C ALA B 453 23.85 -1.10 52.99
N GLY B 454 24.79 -0.27 52.59
CA GLY B 454 25.59 -0.53 51.40
C GLY B 454 25.00 -0.19 50.05
N TRP B 455 25.82 0.43 49.20
CA TRP B 455 25.43 0.81 47.84
C TRP B 455 25.32 -0.38 46.89
N ASN B 456 25.93 -1.53 47.23
CA ASN B 456 25.85 -2.74 46.40
C ASN B 456 24.41 -3.23 46.27
N ALA B 457 23.57 -3.02 47.30
CA ALA B 457 22.15 -3.39 47.29
C ALA B 457 21.37 -2.62 46.22
N TYR B 458 21.81 -1.39 45.90
CA TYR B 458 21.20 -0.56 44.86
C TYR B 458 21.55 -1.13 43.47
N ILE B 459 22.80 -1.58 43.31
CA ILE B 459 23.27 -2.21 42.08
C ILE B 459 22.52 -3.54 41.90
N ASP B 460 22.36 -4.32 42.99
CA ASP B 460 21.62 -5.58 42.93
C ASP B 460 20.18 -5.35 42.49
N ASN B 461 19.57 -4.26 42.98
CA ASN B 461 18.20 -3.88 42.63
C ASN B 461 18.08 -3.59 41.12
N LEU B 462 19.01 -2.80 40.58
CA LEU B 462 19.04 -2.47 39.16
C LEU B 462 19.30 -3.67 38.27
N MET B 463 20.05 -4.66 38.77
CA MET B 463 20.40 -5.84 37.99
C MET B 463 19.43 -7.02 38.12
N ALA B 464 18.50 -6.95 39.07
CA ALA B 464 17.55 -8.03 39.40
C ALA B 464 16.65 -8.54 38.28
N ASP B 465 16.04 -7.66 37.46
CA ASP B 465 15.10 -8.13 36.44
C ASP B 465 15.74 -8.72 35.18
N GLY B 466 17.06 -8.84 35.15
CA GLY B 466 17.76 -9.44 34.02
C GLY B 466 17.79 -8.68 32.70
N THR B 467 17.39 -7.39 32.70
CA THR B 467 17.41 -6.61 31.46
C THR B 467 18.72 -5.84 31.27
N CYS B 468 19.48 -5.61 32.34
CA CYS B 468 20.70 -4.85 32.26
C CYS B 468 21.95 -5.70 32.46
N GLN B 469 23.02 -5.35 31.76
CA GLN B 469 24.33 -6.00 31.89
C GLN B 469 25.30 -5.16 32.76
N ASP B 470 24.98 -3.87 32.97
CA ASP B 470 25.83 -3.00 33.75
C ASP B 470 25.01 -1.93 34.41
N ALA B 471 25.48 -1.49 35.59
CA ALA B 471 24.81 -0.50 36.42
C ALA B 471 25.85 0.20 37.29
N ALA B 472 25.65 1.50 37.56
CA ALA B 472 26.57 2.24 38.41
C ALA B 472 25.93 3.46 39.05
N ILE B 473 26.40 3.82 40.25
CA ILE B 473 25.99 5.03 40.95
C ILE B 473 27.28 5.82 41.16
N VAL B 474 27.35 7.01 40.61
CA VAL B 474 28.57 7.81 40.61
C VAL B 474 28.38 9.19 41.19
N GLY B 475 29.20 9.56 42.17
CA GLY B 475 29.16 10.89 42.72
C GLY B 475 29.83 11.83 41.74
N TYR B 476 29.21 12.97 41.42
CA TYR B 476 29.78 13.88 40.43
C TYR B 476 30.26 15.22 41.00
N LYS B 477 29.88 15.54 42.24
CA LYS B 477 30.32 16.78 42.87
C LYS B 477 31.76 16.62 43.40
N ASP B 478 32.47 17.74 43.56
CA ASP B 478 33.83 17.78 44.10
C ASP B 478 34.77 16.89 43.24
N SER B 479 35.38 15.82 43.79
CA SER B 479 36.18 14.88 43.03
C SER B 479 35.26 13.70 42.74
N PRO B 480 34.88 13.53 41.46
CA PRO B 480 33.93 12.45 41.13
C PRO B 480 34.49 11.05 41.36
N SER B 481 33.61 10.10 41.75
CA SER B 481 34.03 8.74 41.97
C SER B 481 32.88 7.75 41.85
N VAL B 482 33.20 6.51 41.48
CA VAL B 482 32.20 5.46 41.40
C VAL B 482 31.86 4.98 42.83
N TRP B 483 30.62 5.20 43.26
CA TRP B 483 30.19 4.76 44.59
C TRP B 483 29.89 3.26 44.59
N ALA B 484 29.27 2.77 43.53
CA ALA B 484 28.98 1.35 43.37
C ALA B 484 28.83 1.01 41.89
N ALA B 485 29.21 -0.19 41.47
CA ALA B 485 29.10 -0.62 40.07
C ALA B 485 29.23 -2.14 39.93
N VAL B 486 28.82 -2.71 38.78
CA VAL B 486 28.92 -4.14 38.54
C VAL B 486 30.39 -4.49 38.29
N PRO B 487 30.97 -5.38 39.11
CA PRO B 487 32.39 -5.72 38.94
C PRO B 487 32.73 -6.38 37.60
N GLY B 488 33.87 -5.99 37.05
CA GLY B 488 34.34 -6.53 35.79
C GLY B 488 33.61 -6.07 34.54
N LYS B 489 32.80 -5.01 34.68
CA LYS B 489 32.11 -4.45 33.53
C LYS B 489 32.74 -3.07 33.17
N THR B 490 31.99 -2.17 32.51
CA THR B 490 32.54 -0.92 32.02
C THR B 490 32.45 0.28 32.98
N PHE B 491 31.27 0.52 33.56
CA PHE B 491 30.98 1.68 34.41
C PHE B 491 31.90 1.83 35.62
N VAL B 492 32.39 0.72 36.18
CA VAL B 492 33.29 0.77 37.33
C VAL B 492 34.56 1.60 37.04
N ASN B 493 34.98 1.65 35.77
CA ASN B 493 36.18 2.41 35.38
C ASN B 493 35.91 3.83 34.90
N ILE B 494 34.68 4.37 35.10
CA ILE B 494 34.37 5.75 34.69
C ILE B 494 35.32 6.74 35.36
N THR B 495 35.85 7.70 34.59
CA THR B 495 36.79 8.67 35.12
C THR B 495 36.16 10.04 35.37
N PRO B 496 36.86 10.93 36.11
CA PRO B 496 36.34 12.30 36.27
C PRO B 496 36.29 13.08 34.96
N ALA B 497 37.19 12.79 33.99
CA ALA B 497 37.13 13.44 32.69
C ALA B 497 35.84 13.05 31.96
N GLU B 498 35.45 11.77 32.07
CA GLU B 498 34.23 11.30 31.41
C GLU B 498 33.00 11.87 32.09
N VAL B 499 33.02 12.00 33.43
CA VAL B 499 31.94 12.64 34.16
C VAL B 499 31.80 14.11 33.74
N GLY B 500 32.95 14.77 33.53
CA GLY B 500 32.99 16.16 33.09
C GLY B 500 32.32 16.40 31.76
N VAL B 501 32.44 15.44 30.81
CA VAL B 501 31.77 15.58 29.52
C VAL B 501 30.27 15.40 29.72
N LEU B 502 29.86 14.42 30.52
CA LEU B 502 28.44 14.18 30.76
C LEU B 502 27.71 15.36 31.39
N VAL B 503 28.31 15.98 32.42
CA VAL B 503 27.67 17.10 33.11
C VAL B 503 28.15 18.48 32.68
N GLY B 504 29.07 18.55 31.73
CA GLY B 504 29.65 19.82 31.29
C GLY B 504 28.70 20.84 30.70
N LYS B 505 29.11 22.11 30.76
CA LYS B 505 28.32 23.20 30.21
C LYS B 505 28.12 23.05 28.71
N ASP B 506 29.16 22.59 27.99
CA ASP B 506 29.07 22.41 26.53
C ASP B 506 28.17 21.21 26.21
N ARG B 507 27.12 21.42 25.42
CA ARG B 507 26.18 20.35 25.06
C ARG B 507 26.20 20.05 23.57
N SER B 508 27.33 20.32 22.88
CA SER B 508 27.37 20.08 21.45
C SER B 508 28.63 19.38 20.94
N SER B 509 29.78 19.55 21.63
CA SER B 509 31.02 18.93 21.15
C SER B 509 30.92 17.40 21.15
N PHE B 510 30.09 16.80 22.02
CA PHE B 510 29.95 15.32 22.02
C PHE B 510 29.16 14.79 20.79
N TYR B 511 28.62 15.68 19.93
CA TYR B 511 27.98 15.26 18.67
C TYR B 511 29.01 15.09 17.52
N VAL B 512 30.27 15.50 17.73
CA VAL B 512 31.31 15.35 16.73
C VAL B 512 31.60 13.88 16.48
N ASN B 513 31.87 13.12 17.54
CA ASN B 513 32.14 11.69 17.45
C ASN B 513 31.87 10.96 18.75
N GLY B 514 30.90 11.45 19.53
CA GLY B 514 30.49 10.78 20.74
C GLY B 514 31.31 11.11 21.98
N LEU B 515 31.20 10.22 22.95
CA LEU B 515 31.90 10.36 24.23
C LEU B 515 32.25 8.94 24.76
N THR B 516 32.98 8.83 25.87
CA THR B 516 33.30 7.51 26.42
C THR B 516 32.81 7.33 27.83
N LEU B 517 32.50 6.08 28.20
CA LEU B 517 32.09 5.73 29.54
C LEU B 517 32.92 4.52 29.93
N GLY B 518 33.84 4.67 30.89
CA GLY B 518 34.79 3.61 31.21
C GLY B 518 35.63 3.21 30.00
N GLY B 519 35.90 4.18 29.13
CA GLY B 519 36.66 3.93 27.90
C GLY B 519 35.84 3.44 26.71
N GLN B 520 34.59 3.04 26.94
CA GLN B 520 33.72 2.54 25.86
C GLN B 520 33.11 3.72 25.07
N LYS B 521 33.31 3.73 23.75
CA LYS B 521 32.76 4.75 22.86
C LYS B 521 31.21 4.60 22.78
N CYS B 522 30.49 5.72 22.92
CA CYS B 522 29.03 5.77 22.87
C CYS B 522 28.66 6.96 22.02
N SER B 523 27.48 6.88 21.41
CA SER B 523 26.90 8.01 20.69
C SER B 523 25.77 8.55 21.56
N VAL B 524 25.55 9.86 21.51
CA VAL B 524 24.47 10.49 22.22
C VAL B 524 23.21 10.44 21.37
N ILE B 525 22.14 9.80 21.90
CA ILE B 525 20.85 9.70 21.20
CA ILE B 525 20.85 9.71 21.20
C ILE B 525 19.98 10.89 21.62
N ARG B 526 19.81 11.11 22.94
CA ARG B 526 19.03 12.23 23.44
C ARG B 526 19.75 12.84 24.60
N ASP B 527 19.86 14.17 24.60
CA ASP B 527 20.44 14.87 25.72
C ASP B 527 19.30 15.65 26.37
N SER B 528 18.69 15.06 27.39
CA SER B 528 17.64 15.70 28.17
C SER B 528 18.21 16.06 29.56
N LEU B 529 19.55 16.19 29.70
CA LEU B 529 20.15 16.49 30.99
C LEU B 529 19.60 17.79 31.59
N LEU B 530 19.27 18.77 30.73
CA LEU B 530 18.74 20.07 31.16
C LEU B 530 17.21 20.18 31.08
N GLN B 531 16.50 19.08 30.78
CA GLN B 531 15.05 19.10 30.69
C GLN B 531 14.46 18.78 32.04
N ASP B 532 13.58 19.66 32.51
CA ASP B 532 12.94 19.46 33.80
C ASP B 532 12.12 18.20 33.83
N GLY B 533 12.21 17.48 34.92
CA GLY B 533 11.47 16.23 35.07
C GLY B 533 12.11 15.05 34.38
N GLU B 534 13.26 15.23 33.68
CA GLU B 534 13.92 14.10 33.03
C GLU B 534 15.36 13.95 33.52
N PHE B 535 16.18 15.02 33.37
CA PHE B 535 17.59 15.09 33.83
C PHE B 535 18.38 13.87 33.37
N SER B 536 18.12 13.42 32.14
CA SER B 536 18.71 12.21 31.63
C SER B 536 19.38 12.34 30.27
N MET B 537 20.26 11.40 29.95
CA MET B 537 20.85 11.31 28.62
C MET B 537 20.72 9.88 28.19
N ASP B 538 20.29 9.67 26.96
CA ASP B 538 20.21 8.33 26.39
C ASP B 538 21.31 8.20 25.37
N LEU B 539 22.07 7.14 25.49
CA LEU B 539 23.19 6.85 24.60
C LEU B 539 23.09 5.42 24.04
N ARG B 540 23.93 5.11 23.07
CA ARG B 540 24.06 3.78 22.56
C ARG B 540 25.54 3.57 22.31
N THR B 541 26.08 2.42 22.73
CA THR B 541 27.48 2.15 22.49
C THR B 541 27.77 2.02 20.99
N LYS B 542 29.04 2.21 20.64
CA LYS B 542 29.49 2.03 19.28
C LYS B 542 30.48 0.87 19.27
N SER B 543 30.34 -0.03 18.30
CA SER B 543 31.21 -1.18 18.20
C SER B 543 31.67 -1.45 16.76
N THR B 544 32.52 -2.47 16.59
CA THR B 544 33.09 -2.83 15.31
C THR B 544 32.33 -3.95 14.61
N GLY B 545 32.39 -3.94 13.29
CA GLY B 545 31.72 -4.91 12.44
C GLY B 545 30.28 -5.17 12.83
N GLY B 546 29.99 -6.41 13.13
CA GLY B 546 28.64 -6.79 13.55
C GLY B 546 28.53 -7.11 15.01
N ALA B 547 29.46 -6.60 15.85
CA ALA B 547 29.40 -6.87 17.29
C ALA B 547 28.24 -6.09 17.90
N PRO B 548 27.54 -6.66 18.90
CA PRO B 548 26.37 -5.97 19.44
C PRO B 548 26.67 -4.65 20.11
N THR B 549 25.67 -3.75 20.06
CA THR B 549 25.72 -2.47 20.75
C THR B 549 24.56 -2.38 21.72
N PHE B 550 24.68 -1.51 22.72
CA PHE B 550 23.74 -1.50 23.82
C PHE B 550 23.28 -0.12 24.18
N ASN B 551 22.02 -0.02 24.64
CA ASN B 551 21.49 1.25 25.08
C ASN B 551 21.94 1.59 26.50
N VAL B 552 22.19 2.87 26.74
CA VAL B 552 22.63 3.36 28.06
C VAL B 552 21.77 4.55 28.41
N THR B 553 21.39 4.68 29.68
CA THR B 553 20.76 5.89 30.17
C THR B 553 21.58 6.37 31.35
N VAL B 554 21.75 7.68 31.46
CA VAL B 554 22.38 8.36 32.57
C VAL B 554 21.34 9.30 33.14
N THR B 555 21.08 9.23 34.46
CA THR B 555 20.16 10.18 35.07
C THR B 555 20.89 10.93 36.19
N LYS B 556 20.74 12.25 36.24
CA LYS B 556 21.43 13.10 37.20
C LYS B 556 20.54 13.50 38.37
N THR B 557 20.98 13.18 39.59
CA THR B 557 20.29 13.55 40.83
C THR B 557 21.05 14.75 41.49
N ASP B 558 20.70 15.11 42.74
CA ASP B 558 21.37 16.21 43.44
C ASP B 558 22.88 15.95 43.58
N LYS B 559 23.30 14.70 43.84
CA LYS B 559 24.72 14.39 44.04
C LYS B 559 25.26 13.24 43.20
N THR B 560 24.39 12.51 42.48
CA THR B 560 24.83 11.32 41.76
C THR B 560 24.42 11.27 40.28
N LEU B 561 25.07 10.38 39.53
CA LEU B 561 24.69 9.97 38.20
C LEU B 561 24.36 8.49 38.35
N VAL B 562 23.17 8.10 37.91
CA VAL B 562 22.76 6.71 37.88
C VAL B 562 22.94 6.29 36.43
N LEU B 563 23.73 5.25 36.18
CA LEU B 563 24.01 4.80 34.82
C LEU B 563 23.57 3.36 34.70
N LEU B 564 22.96 3.02 33.56
CA LEU B 564 22.44 1.68 33.29
C LEU B 564 22.70 1.29 31.84
N MET B 565 23.13 0.04 31.60
CA MET B 565 23.37 -0.44 30.23
C MET B 565 22.57 -1.70 30.02
N GLY B 566 21.73 -1.71 29.00
CA GLY B 566 20.90 -2.88 28.73
C GLY B 566 21.69 -4.00 28.11
N LYS B 567 21.14 -5.22 28.18
CA LYS B 567 21.70 -6.34 27.45
C LYS B 567 21.33 -6.20 25.96
N GLU B 568 21.85 -7.08 25.09
CA GLU B 568 21.51 -7.06 23.66
C GLU B 568 20.00 -7.19 23.46
N GLY B 569 19.45 -6.37 22.58
CA GLY B 569 18.03 -6.42 22.27
C GLY B 569 17.13 -5.66 23.23
N VAL B 570 17.66 -5.20 24.36
CA VAL B 570 16.84 -4.46 25.33
C VAL B 570 16.62 -3.03 24.84
N HIS B 571 15.34 -2.62 24.74
CA HIS B 571 14.98 -1.29 24.26
C HIS B 571 15.39 -0.15 25.20
N GLY B 572 15.79 0.95 24.60
CA GLY B 572 16.26 2.12 25.31
C GLY B 572 15.23 2.70 26.25
N GLY B 573 13.94 2.57 25.92
CA GLY B 573 12.89 3.10 26.78
C GLY B 573 12.77 2.35 28.09
N LEU B 574 12.98 1.05 28.05
CA LEU B 574 12.95 0.21 29.25
C LEU B 574 14.07 0.63 30.21
N ILE B 575 15.27 0.88 29.66
CA ILE B 575 16.43 1.29 30.44
C ILE B 575 16.24 2.69 31.00
N ASN B 576 15.69 3.60 30.17
CA ASN B 576 15.43 4.97 30.60
C ASN B 576 14.45 4.97 31.77
N LYS B 577 13.35 4.24 31.64
CA LYS B 577 12.33 4.16 32.70
C LYS B 577 12.93 3.66 34.04
N LYS B 578 13.76 2.63 33.97
CA LYS B 578 14.41 2.00 35.12
C LYS B 578 15.35 3.01 35.81
N CYS B 579 16.18 3.69 35.01
CA CYS B 579 17.12 4.68 35.50
C CYS B 579 16.36 5.86 36.13
N TYR B 580 15.25 6.29 35.51
CA TYR B 580 14.40 7.36 36.02
C TYR B 580 13.85 7.00 37.40
N GLU B 581 13.30 5.80 37.56
CA GLU B 581 12.72 5.37 38.81
C GLU B 581 13.73 5.31 39.96
N MET B 582 14.95 4.82 39.68
CA MET B 582 15.99 4.78 40.71
C MET B 582 16.41 6.21 41.07
N ALA B 583 16.55 7.08 40.06
CA ALA B 583 16.92 8.48 40.32
C ALA B 583 15.87 9.19 41.16
N SER B 584 14.57 8.92 40.93
CA SER B 584 13.51 9.53 41.72
CA SER B 584 13.48 9.51 41.69
C SER B 584 13.60 9.10 43.17
N HIS B 585 13.82 7.80 43.42
CA HIS B 585 14.01 7.26 44.77
C HIS B 585 15.18 7.96 45.48
N LEU B 586 16.30 8.11 44.79
CA LEU B 586 17.47 8.78 45.34
C LEU B 586 17.19 10.26 45.65
N ARG B 587 16.54 10.98 44.72
CA ARG B 587 16.17 12.38 44.92
C ARG B 587 15.25 12.57 46.13
N ARG B 588 14.36 11.59 46.40
CA ARG B 588 13.45 11.65 47.57
C ARG B 588 14.24 11.61 48.88
N SER B 589 15.41 10.93 48.89
CA SER B 589 16.24 10.84 50.08
C SER B 589 17.39 11.84 50.07
N GLN B 590 17.21 12.99 49.38
CA GLN B 590 18.21 14.06 49.31
CA GLN B 590 18.17 14.09 49.24
C GLN B 590 19.49 13.67 48.58
N TYR B 591 19.45 12.64 47.71
CA TYR B 591 20.66 12.22 46.99
C TYR B 591 20.63 12.63 45.51
PB ADP C . 1.56 12.33 4.61
O1B ADP C . 0.11 12.37 4.71
O2B ADP C . 2.18 11.12 5.31
O3B ADP C . 2.21 13.65 4.95
PA ADP C . 2.13 10.81 2.16
O1A ADP C . 0.88 9.91 2.34
O2A ADP C . 3.46 10.22 2.35
O3A ADP C . 1.92 12.10 3.06
O5' ADP C . 2.03 11.42 0.66
C5' ADP C . 0.94 12.21 0.13
C4' ADP C . 1.55 13.19 -0.87
O4' ADP C . 2.30 12.46 -1.87
C3' ADP C . 0.56 14.07 -1.64
O3' ADP C . 1.15 15.36 -1.78
C2' ADP C . 0.47 13.36 -2.99
O2' ADP C . 0.07 14.21 -4.06
C1' ADP C . 1.91 12.88 -3.16
N9 ADP C . 2.06 11.77 -4.09
C8 ADP C . 1.42 10.56 -4.04
N7 ADP C . 1.70 9.77 -5.05
C5 ADP C . 2.58 10.51 -5.82
C6 ADP C . 3.20 10.26 -7.05
N6 ADP C . 2.97 9.15 -7.80
N1 ADP C . 4.01 11.22 -7.56
C2 ADP C . 4.18 12.35 -6.86
N3 ADP C . 3.62 12.71 -5.70
C4 ADP C . 2.81 11.75 -5.24
MG MG D . 3.79 10.67 6.35
O5 LAB E . -1.08 17.86 -3.27
C18 LAB E . -2.03 18.18 -2.58
N1 LAB E . -2.24 17.80 -1.33
C16 LAB E . -3.53 18.08 -0.71
C17 LAB E . -4.13 19.22 -1.54
S1 LAB E . -3.39 19.11 -3.19
C15 LAB E . -4.42 16.73 -0.64
O4 LAB E . -4.89 16.44 -1.92
C14 LAB E . -3.60 15.53 -0.16
C13 LAB E . -4.41 14.39 0.43
O2 LAB E . -5.10 13.68 -0.65
C12 LAB E . -5.49 14.92 1.37
C11 LAB E . -6.34 15.91 0.61
O3 LAB E . -5.52 17.04 0.23
C10 LAB E . -7.51 16.47 1.39
C9 LAB E . -8.47 17.32 0.55
C8 LAB E . -9.03 16.68 -0.73
C20 LAB E . -10.00 17.60 -1.46
C7 LAB E . -9.63 15.32 -0.49
C6 LAB E . -9.37 14.10 -0.91
C5 LAB E . -8.27 13.69 -1.85
C4 LAB E . -7.57 12.39 -1.40
C3 LAB E . -6.58 11.86 -2.41
C19 LAB E . -7.18 11.06 -3.54
C2 LAB E . -5.26 12.06 -2.35
C1 LAB E . -4.41 12.78 -1.40
O1 LAB E . -3.21 12.63 -1.31
C TRS F . -9.73 25.02 -15.71
C1 TRS F . -8.32 25.06 -16.33
C2 TRS F . -10.77 24.66 -16.78
C3 TRS F . -9.76 24.03 -14.55
N TRS F . -10.06 26.38 -15.17
O1 TRS F . -8.12 26.20 -17.17
O2 TRS F . -10.50 23.39 -17.38
O3 TRS F . -11.01 24.07 -13.85
C1 GOL G . 8.35 10.04 -20.53
O1 GOL G . 8.80 10.62 -21.74
C2 GOL G . 8.33 8.53 -20.59
O2 GOL G . 7.68 8.08 -21.80
C3 GOL G . 7.68 7.91 -19.38
O3 GOL G . 6.31 8.24 -19.31
O1 PEO H . 6.51 30.09 -6.91
O2 PEO H . 5.57 30.24 -5.65
O1 PEO I . 5.11 11.71 -10.19
O2 PEO I . 5.44 10.31 -9.74
O1 PEO J . 13.94 -1.06 -3.64
O2 PEO J . 13.90 -1.47 -2.16
O1 PEO K . -1.63 34.05 -16.53
O2 PEO K . -3.02 34.27 -17.13
O1 PEO L . -11.44 27.60 -3.31
O2 PEO L . -12.57 26.72 -3.52
S SO4 M . -26.72 -29.86 -13.35
O1 SO4 M . -27.54 -28.69 -13.64
O2 SO4 M . -27.43 -31.08 -13.78
O3 SO4 M . -26.44 -29.91 -11.92
O4 SO4 M . -25.46 -29.74 -14.09
S SO4 N . -8.46 -18.37 -32.22
O1 SO4 N . -7.37 -19.32 -32.29
O2 SO4 N . -9.62 -18.99 -32.86
O3 SO4 N . -8.16 -17.15 -32.92
O4 SO4 N . -8.70 -18.06 -30.81
C TRS O . -20.87 -9.93 -15.38
C1 TRS O . -21.75 -8.70 -15.62
C2 TRS O . -20.96 -10.36 -13.91
C3 TRS O . -21.30 -11.08 -16.29
N TRS O . -19.46 -9.58 -15.69
O1 TRS O . -21.50 -8.08 -16.88
O2 TRS O . -20.36 -9.38 -13.05
O3 TRS O . -20.41 -12.19 -16.19
C1 GOL P . 11.40 -12.08 37.13
O1 GOL P . 10.95 -12.07 38.48
C2 GOL P . 10.99 -10.83 36.39
O2 GOL P . 11.46 -9.67 37.09
C3 GOL P . 11.50 -10.80 34.97
O3 GOL P . 11.00 -9.68 34.26
C1 GOL Q . -27.37 -34.40 -22.63
O1 GOL Q . -28.08 -35.57 -22.25
C2 GOL Q . -27.39 -33.34 -21.54
O2 GOL Q . -26.90 -32.10 -22.05
C3 GOL Q . -28.76 -33.14 -20.96
O3 GOL Q . -28.72 -32.15 -19.94
C1 PEG R . 5.69 -13.79 -24.20
O1 PEG R . 4.97 -12.92 -25.07
C2 PEG R . 6.27 -14.97 -24.93
O2 PEG R . 6.46 -16.05 -24.04
C3 PEG R . 6.04 -17.31 -24.58
C4 PEG R . 7.00 -18.38 -24.16
O4 PEG R . 6.35 -19.46 -23.48
O1 PEO S . -34.73 -36.80 -32.31
O2 PEO S . -35.90 -37.46 -31.58
O1 PEO T . -38.46 -9.81 -30.43
O2 PEO T . -39.48 -10.13 -29.37
O1 PEO U . 6.33 -6.14 -1.99
O2 PEO U . 5.60 -4.92 -2.38
#